data_3CR7
#
_entry.id   3CR7
#
_cell.length_a   77.580
_cell.length_b   82.594
_cell.length_c   139.009
_cell.angle_alpha   90.00
_cell.angle_beta   90.00
_cell.angle_gamma   90.00
#
_symmetry.space_group_name_H-M   'P 21 21 21'
#
loop_
_entity.id
_entity.type
_entity.pdbx_description
1 polymer 'Adenylyl-sulfate kinase'
2 non-polymer 'CHLORIDE ION'
3 non-polymer "ADENOSINE-5'-DIPHOSPHATE"
4 non-polymer "3'-PHOSPHATE-ADENOSINE-5'-PHOSPHATE SULFATE"
5 water water
#
_entity_poly.entity_id   1
_entity_poly.type   'polypeptide(L)'
_entity_poly.pdbx_seq_one_letter_code
;QRGLTIWLTGLSASGKSTLAVELEHQLVRDRRVHAYRLDGDNIRFGLNKDLGFSEADRNENIRRIAEVAKLFADSNSIAI
TSFISPYRKDRDTARQLHEVATPGEETGLPFVEVYVDVPVEVAEQRDPKGLYKKAREGVIKEFTGISAPYEAPANPEVHV
KNYELPVQDAVKQIIDYLDTKGYLPAKKELEHHHHHH
;
_entity_poly.pdbx_strand_id   A,B,C,D
#
loop_
_chem_comp.id
_chem_comp.type
_chem_comp.name
_chem_comp.formula
ADP non-polymer ADENOSINE-5'-DIPHOSPHATE 'C10 H15 N5 O10 P2'
CL non-polymer 'CHLORIDE ION' 'Cl -1'
PPS non-polymer '3'-PHOSPHATE-ADENOSINE-5'-PHOSPHATE SULFATE' 'C10 H15 N5 O13 P2 S'
#
# COMPACT_ATOMS: atom_id res chain seq x y z
N ARG A 2 16.40 -22.12 21.60
CA ARG A 2 16.54 -22.69 20.28
C ARG A 2 15.22 -22.62 19.52
N GLY A 3 15.30 -22.52 18.20
CA GLY A 3 14.15 -22.17 17.38
C GLY A 3 13.57 -23.25 16.50
N LEU A 4 12.24 -23.30 16.47
CA LEU A 4 11.54 -24.21 15.60
C LEU A 4 10.27 -23.56 15.13
N THR A 5 9.60 -24.26 14.23
CA THR A 5 8.32 -23.81 13.73
C THR A 5 7.25 -24.81 14.16
N ILE A 6 6.18 -24.28 14.72
CA ILE A 6 5.05 -25.12 15.08
C ILE A 6 3.89 -24.81 14.15
N TRP A 7 3.59 -25.77 13.29
CA TRP A 7 2.68 -25.55 12.19
C TRP A 7 1.31 -26.18 12.42
N LEU A 8 0.31 -25.35 12.65
CA LEU A 8 -1.05 -25.83 12.83
C LEU A 8 -1.80 -25.87 11.51
N THR A 9 -2.57 -26.91 11.32
CA THR A 9 -3.31 -27.11 10.08
C THR A 9 -4.67 -27.65 10.44
N GLY A 10 -5.71 -27.10 9.83
CA GLY A 10 -7.05 -27.54 10.12
C GLY A 10 -8.11 -26.70 9.44
N LEU A 11 -9.33 -27.21 9.46
CA LEU A 11 -10.48 -26.51 8.92
C LEU A 11 -10.62 -25.18 9.61
N SER A 12 -11.44 -24.31 9.04
CA SER A 12 -11.76 -23.08 9.73
C SER A 12 -12.75 -23.39 10.84
N ALA A 13 -12.58 -22.72 11.96
CA ALA A 13 -13.42 -22.93 13.13
C ALA A 13 -13.05 -24.23 13.83
N SER A 14 -11.86 -24.75 13.55
CA SER A 14 -11.39 -25.95 14.24
C SER A 14 -10.70 -25.52 15.52
N GLY A 15 -10.31 -24.25 15.56
CA GLY A 15 -9.79 -23.66 16.79
C GLY A 15 -8.29 -23.46 16.82
N LYS A 16 -7.69 -23.41 15.64
CA LYS A 16 -6.25 -23.15 15.52
C LYS A 16 -5.84 -21.88 16.24
N SER A 17 -6.32 -20.72 15.77
CA SER A 17 -5.86 -19.43 16.35
C SER A 17 -6.01 -19.44 17.85
N THR A 18 -7.06 -20.10 18.34
CA THR A 18 -7.27 -20.15 19.77
C THR A 18 -6.10 -20.87 20.43
N LEU A 19 -5.75 -22.02 19.87
CA LEU A 19 -4.59 -22.79 20.32
C LEU A 19 -3.30 -22.01 20.24
N ALA A 20 -3.12 -21.31 19.13
CA ALA A 20 -1.90 -20.55 18.91
C ALA A 20 -1.71 -19.59 20.07
N VAL A 21 -2.60 -18.62 20.17
CA VAL A 21 -2.59 -17.69 21.29
C VAL A 21 -2.27 -18.38 22.61
N GLU A 22 -2.98 -19.48 22.89
CA GLU A 22 -2.84 -20.15 24.17
C GLU A 22 -1.57 -20.98 24.26
N LEU A 23 -1.08 -21.42 23.11
CA LEU A 23 0.15 -22.17 23.12
C LEU A 23 1.26 -21.20 23.49
N GLU A 24 1.11 -19.99 22.95
CA GLU A 24 2.14 -18.99 23.09
C GLU A 24 2.21 -18.53 24.53
N HIS A 25 1.07 -18.15 25.08
CA HIS A 25 1.06 -17.59 26.42
C HIS A 25 1.51 -18.60 27.43
N GLN A 26 1.22 -19.86 27.15
CA GLN A 26 1.59 -20.92 28.06
C GLN A 26 3.03 -21.34 27.85
N LEU A 27 3.66 -20.84 26.80
CA LEU A 27 5.07 -21.12 26.58
C LEU A 27 5.91 -20.06 27.26
N VAL A 28 5.47 -18.82 27.12
CA VAL A 28 6.16 -17.66 27.65
C VAL A 28 5.74 -17.36 29.08
N ARG A 29 5.02 -18.30 29.67
CA ARG A 29 4.55 -18.14 31.03
C ARG A 29 5.40 -19.05 31.90
N ASP A 30 5.83 -20.17 31.33
CA ASP A 30 6.33 -21.27 32.13
C ASP A 30 7.64 -21.79 31.62
N ARG A 31 8.13 -21.18 30.54
CA ARG A 31 9.44 -21.49 30.02
C ARG A 31 10.00 -20.17 29.54
N ARG A 32 9.08 -19.21 29.37
CA ARG A 32 9.40 -17.89 28.89
C ARG A 32 10.34 -17.88 27.70
N VAL A 33 9.90 -18.41 26.56
CA VAL A 33 10.64 -18.17 25.33
C VAL A 33 9.93 -17.06 24.61
N HIS A 34 10.61 -16.40 23.69
CA HIS A 34 9.85 -15.62 22.75
C HIS A 34 9.24 -16.60 21.79
N ALA A 35 8.07 -16.26 21.29
CA ALA A 35 7.41 -17.06 20.30
C ALA A 35 6.63 -16.03 19.56
N TYR A 36 6.70 -16.10 18.25
CA TYR A 36 5.85 -15.26 17.48
C TYR A 36 5.01 -16.21 16.69
N ARG A 37 3.97 -15.65 16.13
CA ARG A 37 2.75 -16.38 15.88
C ARG A 37 2.15 -15.71 14.69
N LEU A 38 1.96 -16.50 13.65
CA LEU A 38 1.57 -15.98 12.35
C LEU A 38 0.20 -16.53 11.98
N ASP A 39 -0.78 -15.65 11.79
CA ASP A 39 -1.99 -16.08 11.09
C ASP A 39 -2.60 -14.92 10.27
N GLY A 40 -3.90 -14.99 10.03
CA GLY A 40 -4.56 -14.18 9.03
C GLY A 40 -4.28 -12.69 9.09
N ASP A 41 -4.28 -12.15 10.30
CA ASP A 41 -4.17 -10.70 10.50
C ASP A 41 -2.79 -10.25 10.10
N ASN A 42 -1.81 -10.92 10.68
CA ASN A 42 -0.42 -10.64 10.41
C ASN A 42 -0.11 -10.70 8.95
N ILE A 43 -0.62 -11.75 8.31
CA ILE A 43 -0.10 -12.16 7.03
C ILE A 43 -0.98 -11.81 5.84
N ARG A 44 -2.27 -12.08 5.95
CA ARG A 44 -3.15 -11.90 4.80
C ARG A 44 -3.54 -10.45 4.51
N PHE A 45 -3.35 -9.56 5.47
CA PHE A 45 -3.56 -8.14 5.22
C PHE A 45 -2.25 -7.45 4.86
N GLY A 46 -1.16 -8.19 4.96
CA GLY A 46 0.16 -7.61 4.75
C GLY A 46 0.92 -8.24 3.61
N LEU A 47 1.88 -9.09 3.98
CA LEU A 47 2.70 -9.83 3.04
C LEU A 47 1.88 -10.49 1.94
N ASN A 48 0.75 -11.07 2.33
CA ASN A 48 0.01 -11.98 1.43
C ASN A 48 -1.33 -11.44 1.01
N LYS A 49 -1.25 -10.19 0.59
CA LYS A 49 -2.40 -9.32 0.43
C LYS A 49 -2.89 -9.44 -0.99
N ASP A 50 -1.96 -9.85 -1.84
CA ASP A 50 -2.22 -9.98 -3.26
C ASP A 50 -2.80 -11.35 -3.53
N LEU A 51 -2.99 -12.14 -2.48
CA LEU A 51 -3.40 -13.54 -2.65
C LEU A 51 -4.80 -13.86 -2.15
N GLY A 52 -5.60 -14.48 -3.01
CA GLY A 52 -6.93 -14.90 -2.66
C GLY A 52 -6.95 -16.34 -2.22
N PHE A 53 -7.98 -17.06 -2.65
CA PHE A 53 -8.21 -18.41 -2.16
C PHE A 53 -8.28 -19.45 -3.25
N SER A 54 -7.78 -19.09 -4.42
CA SER A 54 -7.69 -20.05 -5.50
C SER A 54 -6.60 -21.03 -5.10
N GLU A 55 -6.55 -22.15 -5.79
CA GLU A 55 -5.57 -23.17 -5.48
C GLU A 55 -4.14 -22.62 -5.53
N ALA A 56 -3.81 -21.95 -6.63
CA ALA A 56 -2.45 -21.42 -6.81
C ALA A 56 -2.11 -20.39 -5.74
N ASP A 57 -3.11 -19.62 -5.36
CA ASP A 57 -2.92 -18.58 -4.36
C ASP A 57 -2.71 -19.15 -2.96
N ARG A 58 -3.37 -20.27 -2.70
CA ARG A 58 -3.20 -20.96 -1.43
C ARG A 58 -1.84 -21.63 -1.41
N ASN A 59 -1.39 -22.13 -2.56
CA ASN A 59 -0.04 -22.66 -2.69
C ASN A 59 0.97 -21.57 -2.31
N GLU A 60 0.86 -20.43 -2.97
CA GLU A 60 1.77 -19.31 -2.72
C GLU A 60 1.64 -18.78 -1.30
N ASN A 61 0.40 -18.57 -0.83
CA ASN A 61 0.16 -18.14 0.54
C ASN A 61 0.99 -18.97 1.51
N ILE A 62 0.97 -20.28 1.31
CA ILE A 62 1.67 -21.20 2.21
C ILE A 62 3.18 -21.20 1.95
N ARG A 63 3.55 -21.03 0.68
CA ARG A 63 4.96 -20.92 0.30
C ARG A 63 5.64 -19.82 1.09
N ARG A 64 5.02 -18.65 1.02
CA ARG A 64 5.57 -17.43 1.61
C ARG A 64 5.71 -17.56 3.13
N ILE A 65 4.65 -18.10 3.71
CA ILE A 65 4.55 -18.32 5.16
C ILE A 65 5.52 -19.36 5.69
N ALA A 66 5.87 -20.32 4.85
CA ALA A 66 6.87 -21.31 5.25
C ALA A 66 8.20 -20.63 5.33
N GLU A 67 8.45 -19.73 4.37
CA GLU A 67 9.74 -19.07 4.30
C GLU A 67 9.94 -18.08 5.43
N VAL A 68 8.89 -17.37 5.85
CA VAL A 68 9.11 -16.42 6.93
C VAL A 68 9.01 -17.11 8.30
N ALA A 69 8.41 -18.29 8.34
CA ALA A 69 8.39 -19.07 9.57
C ALA A 69 9.80 -19.59 9.82
N LYS A 70 10.40 -20.10 8.76
CA LYS A 70 11.78 -20.53 8.82
C LYS A 70 12.64 -19.38 9.34
N LEU A 71 12.38 -18.19 8.81
CA LEU A 71 13.10 -16.99 9.23
C LEU A 71 13.03 -16.74 10.73
N PHE A 72 11.88 -17.02 11.32
CA PHE A 72 11.67 -16.74 12.73
C PHE A 72 12.33 -17.78 13.63
N ALA A 73 12.34 -19.02 13.16
CA ALA A 73 12.92 -20.13 13.90
C ALA A 73 14.41 -19.92 13.90
N ASP A 74 14.90 -19.56 12.71
CA ASP A 74 16.27 -19.15 12.49
C ASP A 74 16.73 -18.11 13.53
N SER A 75 15.90 -17.09 13.75
CA SER A 75 16.26 -16.04 14.71
C SER A 75 16.13 -16.58 16.13
N ASN A 76 15.98 -17.90 16.24
CA ASN A 76 15.89 -18.59 17.53
C ASN A 76 14.64 -18.20 18.30
N SER A 77 13.59 -17.90 17.54
CA SER A 77 12.30 -17.77 18.11
C SER A 77 11.57 -19.04 17.74
N ILE A 78 10.38 -19.19 18.29
CA ILE A 78 9.50 -20.26 17.91
C ILE A 78 8.40 -19.63 17.08
N ALA A 79 8.35 -19.99 15.81
CA ALA A 79 7.26 -19.54 14.95
C ALA A 79 6.08 -20.45 15.13
N ILE A 80 4.90 -19.87 15.29
CA ILE A 80 3.67 -20.65 15.40
C ILE A 80 2.68 -20.26 14.32
N THR A 81 2.61 -21.06 13.26
CA THR A 81 1.70 -20.76 12.16
C THR A 81 0.33 -21.36 12.39
N SER A 82 -0.66 -20.79 11.73
CA SER A 82 -2.04 -21.12 12.04
C SER A 82 -2.93 -20.87 10.85
N PHE A 83 -2.56 -21.43 9.71
CA PHE A 83 -3.38 -21.32 8.53
C PHE A 83 -4.01 -22.64 8.24
N ILE A 84 -5.14 -22.60 7.56
CA ILE A 84 -5.83 -23.83 7.19
C ILE A 84 -4.85 -24.81 6.51
N SER A 85 -3.99 -24.28 5.64
CA SER A 85 -3.02 -25.06 4.87
C SER A 85 -3.48 -26.46 4.47
N PRO A 86 -4.45 -26.52 3.56
CA PRO A 86 -5.21 -27.74 3.29
C PRO A 86 -4.52 -28.68 2.34
N TYR A 87 -3.50 -28.17 1.63
CA TYR A 87 -2.81 -29.00 0.65
C TYR A 87 -1.61 -29.69 1.21
N ARG A 88 -1.75 -31.00 1.34
CA ARG A 88 -0.70 -31.81 1.95
C ARG A 88 0.64 -31.58 1.32
N LYS A 89 0.70 -31.44 -0.01
CA LYS A 89 1.98 -31.18 -0.70
C LYS A 89 2.69 -29.93 -0.20
N ASP A 90 1.90 -28.90 0.11
CA ASP A 90 2.49 -27.62 0.52
C ASP A 90 3.00 -27.65 1.93
N ARG A 91 2.34 -28.42 2.77
CA ARG A 91 2.77 -28.57 4.13
C ARG A 91 4.03 -29.41 4.18
N ASP A 92 4.11 -30.36 3.26
CA ASP A 92 5.26 -31.26 3.21
C ASP A 92 6.48 -30.51 2.71
N THR A 93 6.22 -29.57 1.80
CA THR A 93 7.26 -28.74 1.20
C THR A 93 7.84 -27.73 2.19
N ALA A 94 6.97 -27.25 3.07
CA ALA A 94 7.33 -26.32 4.13
C ALA A 94 8.23 -27.04 5.12
N ARG A 95 7.86 -28.27 5.40
CA ARG A 95 8.65 -29.10 6.29
C ARG A 95 10.07 -29.22 5.75
N GLN A 96 10.17 -29.54 4.46
CA GLN A 96 11.46 -29.76 3.82
C GLN A 96 12.35 -28.53 3.73
N LEU A 97 11.78 -27.32 3.80
CA LEU A 97 12.69 -26.17 3.81
C LEU A 97 13.20 -25.92 5.22
N HIS A 98 12.48 -26.43 6.20
CA HIS A 98 12.90 -26.30 7.59
C HIS A 98 13.93 -27.36 7.96
N GLU A 99 13.79 -28.55 7.38
CA GLU A 99 14.55 -29.72 7.83
C GLU A 99 15.88 -29.97 7.10
N VAL A 100 16.14 -29.24 6.02
CA VAL A 100 17.38 -29.42 5.27
C VAL A 100 18.61 -29.03 6.07
N THR A 107 21.69 -26.76 8.94
CA THR A 107 21.75 -28.08 9.53
C THR A 107 20.69 -28.24 10.61
N GLY A 108 19.45 -28.23 10.15
CA GLY A 108 18.35 -28.65 10.99
C GLY A 108 17.53 -27.58 11.65
N LEU A 109 16.23 -27.83 11.73
CA LEU A 109 15.25 -26.95 12.32
C LEU A 109 14.01 -27.78 12.46
N PRO A 110 13.52 -27.92 13.71
CA PRO A 110 12.33 -28.76 13.82
C PRO A 110 11.13 -28.17 13.11
N PHE A 111 10.27 -29.07 12.64
CA PHE A 111 9.00 -28.72 12.03
C PHE A 111 7.93 -29.56 12.68
N VAL A 112 7.15 -28.95 13.56
CA VAL A 112 6.14 -29.66 14.33
C VAL A 112 4.76 -29.40 13.76
N GLU A 113 4.25 -30.39 13.04
CA GLU A 113 2.95 -30.28 12.41
C GLU A 113 1.88 -30.74 13.37
N VAL A 114 0.98 -29.83 13.72
CA VAL A 114 -0.10 -30.14 14.63
C VAL A 114 -1.42 -30.14 13.90
N TYR A 115 -2.02 -31.30 13.81
CA TYR A 115 -3.32 -31.41 13.19
C TYR A 115 -4.38 -31.02 14.19
N VAL A 116 -4.92 -29.81 14.03
CA VAL A 116 -6.09 -29.39 14.79
C VAL A 116 -7.28 -30.06 14.13
N ASP A 117 -7.74 -31.15 14.72
CA ASP A 117 -8.70 -32.04 14.10
C ASP A 117 -10.09 -31.83 14.67
N VAL A 118 -11.01 -31.37 13.84
CA VAL A 118 -12.42 -31.53 14.13
C VAL A 118 -13.13 -32.07 12.92
N PRO A 119 -14.26 -32.74 13.16
CA PRO A 119 -15.18 -33.14 12.09
C PRO A 119 -15.78 -31.88 11.50
N VAL A 120 -16.00 -31.92 10.20
CA VAL A 120 -16.61 -30.80 9.51
C VAL A 120 -17.91 -30.37 10.20
N GLU A 121 -18.54 -31.26 10.95
CA GLU A 121 -19.84 -30.95 11.58
C GLU A 121 -19.73 -30.19 12.90
N VAL A 122 -18.57 -30.33 13.54
CA VAL A 122 -18.32 -29.61 14.77
C VAL A 122 -18.00 -28.17 14.40
N ALA A 123 -17.10 -28.03 13.43
CA ALA A 123 -16.76 -26.74 12.83
C ALA A 123 -18.00 -25.99 12.35
N GLU A 124 -18.87 -26.73 11.69
CA GLU A 124 -20.01 -26.11 11.04
C GLU A 124 -20.96 -25.58 12.08
N GLN A 125 -21.09 -26.37 13.14
CA GLN A 125 -21.98 -26.07 14.23
C GLN A 125 -21.42 -24.91 15.03
N ARG A 126 -20.13 -24.67 14.90
CA ARG A 126 -19.52 -23.47 15.42
C ARG A 126 -19.83 -22.29 14.52
N ASP A 127 -19.18 -22.27 13.36
CA ASP A 127 -19.36 -21.24 12.34
C ASP A 127 -19.47 -19.81 12.88
N PRO A 128 -18.40 -19.32 13.53
CA PRO A 128 -18.40 -18.03 14.22
C PRO A 128 -18.68 -16.80 13.37
N LYS A 129 -18.41 -16.87 12.07
CA LYS A 129 -18.53 -15.69 11.21
C LYS A 129 -19.42 -16.01 10.04
N GLY A 130 -20.04 -17.18 10.12
CA GLY A 130 -21.07 -17.61 9.20
C GLY A 130 -20.61 -18.05 7.83
N LEU A 131 -19.34 -18.38 7.68
CA LEU A 131 -18.79 -18.77 6.37
C LEU A 131 -19.34 -20.10 5.86
N TYR A 132 -19.59 -21.03 6.77
CA TYR A 132 -20.10 -22.34 6.41
C TYR A 132 -21.48 -22.29 5.83
N LYS A 133 -22.31 -21.46 6.44
CA LYS A 133 -23.67 -21.29 5.96
C LYS A 133 -23.64 -20.58 4.61
N LYS A 134 -22.69 -19.68 4.45
CA LYS A 134 -22.52 -19.01 3.16
C LYS A 134 -21.96 -19.96 2.11
N ALA A 135 -21.09 -20.86 2.55
CA ALA A 135 -20.49 -21.80 1.62
C ALA A 135 -21.52 -22.84 1.19
N ARG A 136 -22.39 -23.22 2.14
CA ARG A 136 -23.52 -24.11 1.86
C ARG A 136 -24.45 -23.52 0.83
N GLU A 137 -24.56 -22.19 0.82
CA GLU A 137 -25.50 -21.50 -0.06
C GLU A 137 -24.90 -21.04 -1.39
N GLY A 138 -23.58 -21.08 -1.49
CA GLY A 138 -22.91 -20.72 -2.73
C GLY A 138 -22.39 -19.30 -2.77
N VAL A 139 -22.54 -18.62 -1.63
CA VAL A 139 -22.09 -17.24 -1.52
C VAL A 139 -20.57 -17.13 -1.46
N ILE A 140 -19.95 -18.10 -0.81
CA ILE A 140 -18.51 -18.22 -0.89
C ILE A 140 -18.19 -19.45 -1.70
N LYS A 141 -17.30 -19.28 -2.67
CA LYS A 141 -16.93 -20.40 -3.53
C LYS A 141 -15.66 -21.06 -3.08
N GLU A 142 -15.51 -22.34 -3.37
CA GLU A 142 -14.27 -23.04 -3.05
C GLU A 142 -13.91 -22.92 -1.59
N PHE A 143 -14.83 -23.32 -0.73
CA PHE A 143 -14.61 -23.21 0.68
C PHE A 143 -14.10 -24.53 1.23
N THR A 144 -12.98 -24.46 1.93
CA THR A 144 -12.36 -25.65 2.48
C THR A 144 -13.35 -26.49 3.28
N GLY A 145 -13.45 -27.77 2.93
CA GLY A 145 -14.28 -28.72 3.66
C GLY A 145 -15.72 -28.77 3.20
N ILE A 146 -16.12 -27.79 2.42
CA ILE A 146 -17.50 -27.76 1.90
C ILE A 146 -17.48 -27.90 0.38
N SER A 147 -16.68 -27.06 -0.26
CA SER A 147 -16.58 -27.06 -1.72
C SER A 147 -15.13 -26.90 -2.15
N ALA A 148 -14.22 -27.38 -1.29
CA ALA A 148 -12.81 -27.45 -1.60
C ALA A 148 -12.19 -28.42 -0.63
N PRO A 149 -11.03 -28.99 -1.01
CA PRO A 149 -10.48 -30.13 -0.27
C PRO A 149 -9.78 -29.71 0.99
N TYR A 150 -9.91 -30.57 1.99
CA TYR A 150 -8.94 -30.56 3.06
C TYR A 150 -8.20 -31.89 3.06
N GLU A 151 -6.88 -31.82 2.91
CA GLU A 151 -6.06 -33.02 2.87
C GLU A 151 -5.32 -33.19 4.19
N ALA A 152 -5.89 -34.04 5.02
CA ALA A 152 -5.43 -34.22 6.39
C ALA A 152 -4.01 -34.78 6.48
N PRO A 153 -3.26 -34.33 7.51
CA PRO A 153 -1.91 -34.86 7.78
C PRO A 153 -1.95 -36.32 8.15
N ALA A 154 -1.05 -37.09 7.57
CA ALA A 154 -1.01 -38.53 7.79
C ALA A 154 -0.22 -38.85 9.05
N ASN A 155 0.92 -38.19 9.19
CA ASN A 155 1.82 -38.42 10.31
C ASN A 155 2.16 -37.12 11.01
N PRO A 156 1.19 -36.57 11.78
CA PRO A 156 1.50 -35.32 12.48
C PRO A 156 2.29 -35.59 13.73
N GLU A 157 3.27 -34.74 14.01
CA GLU A 157 3.95 -34.84 15.30
C GLU A 157 2.94 -34.79 16.42
N VAL A 158 1.85 -34.05 16.20
CA VAL A 158 0.81 -33.92 17.21
C VAL A 158 -0.59 -33.87 16.61
N HIS A 159 -1.48 -34.70 17.13
CA HIS A 159 -2.81 -34.85 16.58
C HIS A 159 -3.87 -34.44 17.59
N VAL A 160 -4.30 -33.19 17.53
CA VAL A 160 -5.26 -32.71 18.52
C VAL A 160 -6.70 -32.87 18.05
N LYS A 161 -7.43 -33.71 18.76
CA LYS A 161 -8.86 -33.88 18.54
C LYS A 161 -9.54 -32.77 19.32
N ASN A 162 -9.66 -31.63 18.67
CA ASN A 162 -9.97 -30.39 19.35
C ASN A 162 -11.47 -30.11 19.39
N TYR A 163 -12.21 -31.04 19.98
CA TYR A 163 -13.65 -30.86 20.19
C TYR A 163 -14.05 -31.42 21.54
N GLU A 164 -15.00 -30.74 22.19
CA GLU A 164 -15.41 -31.09 23.54
C GLU A 164 -14.17 -31.28 24.39
N LEU A 165 -13.29 -30.30 24.28
CA LEU A 165 -11.95 -30.40 24.82
C LEU A 165 -11.48 -29.01 25.23
N PRO A 166 -10.90 -28.92 26.42
CA PRO A 166 -10.40 -27.63 26.90
C PRO A 166 -9.10 -27.22 26.23
N VAL A 167 -9.14 -26.04 25.66
CA VAL A 167 -7.98 -25.46 25.00
C VAL A 167 -6.73 -25.83 25.75
N GLN A 168 -6.89 -25.99 27.07
CA GLN A 168 -5.77 -26.25 27.98
C GLN A 168 -5.16 -27.62 27.74
N ASP A 169 -6.00 -28.66 27.82
CA ASP A 169 -5.47 -30.01 27.59
C ASP A 169 -4.92 -30.07 26.17
N ALA A 170 -5.48 -29.23 25.29
CA ALA A 170 -5.04 -29.18 23.90
C ALA A 170 -3.60 -28.68 23.81
N VAL A 171 -3.36 -27.49 24.35
CA VAL A 171 -2.03 -26.89 24.35
C VAL A 171 -1.03 -27.72 25.14
N LYS A 172 -1.54 -28.53 26.04
CA LYS A 172 -0.68 -29.30 26.94
C LYS A 172 -0.36 -30.62 26.30
N GLN A 173 -0.99 -30.88 25.16
CA GLN A 173 -0.70 -32.08 24.40
C GLN A 173 0.45 -31.70 23.52
N ILE A 174 0.47 -30.42 23.17
CA ILE A 174 1.52 -29.88 22.33
C ILE A 174 2.78 -29.66 23.14
N ILE A 175 2.66 -28.89 24.22
CA ILE A 175 3.82 -28.66 25.07
C ILE A 175 4.45 -30.00 25.39
N ASP A 176 3.67 -30.86 26.03
CA ASP A 176 4.12 -32.20 26.41
C ASP A 176 4.85 -32.96 25.30
N TYR A 177 4.47 -32.73 24.04
CA TYR A 177 5.20 -33.38 22.96
C TYR A 177 6.54 -32.69 22.75
N LEU A 178 6.54 -31.38 22.93
CA LEU A 178 7.71 -30.59 22.67
C LEU A 178 8.90 -31.04 23.50
N ASP A 179 8.67 -31.32 24.78
CA ASP A 179 9.80 -31.78 25.57
C ASP A 179 9.95 -33.30 25.60
N THR A 180 8.97 -34.01 25.04
CA THR A 180 9.19 -35.42 24.73
C THR A 180 10.38 -35.51 23.79
N LYS A 181 10.63 -34.40 23.09
CA LYS A 181 11.64 -34.33 22.03
C LYS A 181 12.85 -33.47 22.37
N GLY A 182 12.67 -32.57 23.32
CA GLY A 182 13.77 -31.81 23.86
C GLY A 182 13.88 -30.33 23.53
N TYR A 183 12.87 -29.74 22.89
CA TYR A 183 12.97 -28.34 22.47
C TYR A 183 12.68 -27.31 23.55
N LEU A 184 12.34 -27.76 24.74
CA LEU A 184 11.95 -26.82 25.81
C LEU A 184 12.96 -26.74 26.95
N PRO A 185 12.92 -25.60 27.66
CA PRO A 185 13.66 -25.32 28.90
C PRO A 185 12.87 -25.59 30.17
N ALA A 186 13.40 -26.48 31.01
CA ALA A 186 13.01 -26.53 32.41
C ALA A 186 11.63 -25.92 32.64
N ARG B 2 8.43 -3.43 22.79
CA ARG B 2 8.05 -3.19 21.40
C ARG B 2 9.23 -2.82 20.52
N GLY B 3 9.29 -3.41 19.34
CA GLY B 3 10.45 -3.28 18.47
C GLY B 3 10.32 -2.27 17.35
N LEU B 4 11.19 -2.40 16.37
CA LEU B 4 11.32 -1.37 15.37
C LEU B 4 12.15 -1.89 14.22
N THR B 5 12.13 -1.16 13.12
CA THR B 5 12.90 -1.56 11.96
C THR B 5 13.91 -0.48 11.64
N ILE B 6 15.10 -0.92 11.35
CA ILE B 6 16.19 -0.03 11.00
C ILE B 6 16.50 -0.32 9.56
N TRP B 7 16.21 0.67 8.71
CA TRP B 7 16.29 0.45 7.29
C TRP B 7 17.53 1.10 6.69
N LEU B 8 18.51 0.28 6.33
CA LEU B 8 19.72 0.81 5.73
C LEU B 8 19.54 1.03 4.25
N THR B 9 20.07 2.14 3.76
CA THR B 9 19.98 2.45 2.34
C THR B 9 21.26 3.17 1.95
N GLY B 10 21.76 2.84 0.76
CA GLY B 10 23.03 3.36 0.31
C GLY B 10 23.57 2.56 -0.84
N LEU B 11 24.57 3.12 -1.49
CA LEU B 11 25.17 2.50 -2.66
C LEU B 11 25.74 1.14 -2.32
N SER B 12 26.14 0.43 -3.38
CA SER B 12 26.87 -0.80 -3.18
C SER B 12 28.21 -0.44 -2.58
N ALA B 13 28.59 -1.14 -1.52
CA ALA B 13 29.90 -0.96 -0.90
C ALA B 13 29.94 0.34 -0.10
N SER B 14 28.77 0.85 0.25
CA SER B 14 28.67 1.98 1.17
C SER B 14 28.87 1.46 2.58
N GLY B 15 28.60 0.18 2.77
CA GLY B 15 28.90 -0.51 4.02
C GLY B 15 27.71 -0.79 4.90
N LYS B 16 26.55 -0.94 4.29
CA LYS B 16 25.33 -1.25 5.02
C LYS B 16 25.50 -2.52 5.83
N SER B 17 26.00 -3.56 5.18
CA SER B 17 26.02 -4.89 5.81
C SER B 17 27.08 -4.96 6.90
N THR B 18 28.14 -4.19 6.73
CA THR B 18 29.16 -4.09 7.77
C THR B 18 28.59 -3.47 9.03
N LEU B 19 27.71 -2.48 8.86
CA LEU B 19 27.11 -1.80 10.00
C LEU B 19 25.96 -2.62 10.54
N ALA B 20 25.26 -3.32 9.65
CA ALA B 20 24.13 -4.16 10.04
C ALA B 20 24.60 -5.24 10.99
N VAL B 21 25.77 -5.77 10.68
CA VAL B 21 26.32 -6.86 11.46
C VAL B 21 26.74 -6.35 12.82
N GLU B 22 27.42 -5.22 12.79
CA GLU B 22 27.98 -4.63 13.98
C GLU B 22 26.86 -4.16 14.88
N LEU B 23 25.81 -3.65 14.25
CA LEU B 23 24.67 -3.08 14.96
C LEU B 23 23.94 -4.15 15.75
N GLU B 24 23.67 -5.27 15.09
CA GLU B 24 23.05 -6.38 15.78
C GLU B 24 23.92 -6.76 16.96
N HIS B 25 25.19 -7.02 16.66
CA HIS B 25 26.17 -7.42 17.66
C HIS B 25 26.13 -6.51 18.90
N GLN B 26 26.23 -5.21 18.69
CA GLN B 26 26.21 -4.26 19.80
C GLN B 26 24.85 -4.10 20.47
N LEU B 27 23.81 -4.46 19.75
CA LEU B 27 22.47 -4.32 20.31
C LEU B 27 22.15 -5.52 21.15
N VAL B 28 22.38 -6.67 20.57
CA VAL B 28 22.05 -7.91 21.26
C VAL B 28 22.96 -8.02 22.46
N ARG B 29 24.14 -7.43 22.33
CA ARG B 29 25.21 -7.69 23.25
C ARG B 29 25.19 -6.78 24.46
N ASP B 30 25.01 -5.49 24.21
CA ASP B 30 25.09 -4.50 25.27
C ASP B 30 23.73 -4.03 25.77
N ARG B 31 22.67 -4.33 25.04
CA ARG B 31 21.35 -3.95 25.51
C ARG B 31 20.40 -5.13 25.70
N ARG B 32 20.93 -6.34 25.56
CA ARG B 32 20.16 -7.57 25.77
C ARG B 32 18.79 -7.54 25.10
N VAL B 33 18.82 -7.28 23.80
CA VAL B 33 17.61 -7.05 23.01
C VAL B 33 17.75 -7.84 21.70
N HIS B 34 16.75 -8.64 21.37
CA HIS B 34 16.82 -9.40 20.12
C HIS B 34 16.87 -8.51 18.91
N ALA B 35 17.78 -8.80 17.99
CA ALA B 35 17.78 -8.16 16.70
C ALA B 35 17.92 -9.25 15.67
N TYR B 36 17.64 -8.91 14.42
CA TYR B 36 17.68 -9.89 13.38
C TYR B 36 17.85 -9.23 12.04
N ARG B 37 18.57 -9.91 11.17
CA ARG B 37 19.10 -9.30 9.97
C ARG B 37 18.33 -9.83 8.78
N LEU B 38 17.96 -8.94 7.87
CA LEU B 38 17.32 -9.34 6.63
C LEU B 38 18.15 -8.82 5.49
N ASP B 39 18.64 -9.73 4.66
CA ASP B 39 19.38 -9.29 3.50
C ASP B 39 19.25 -10.31 2.38
N GLY B 40 20.02 -10.08 1.33
CA GLY B 40 19.97 -10.89 0.14
C GLY B 40 20.24 -12.36 0.39
N ASP B 41 21.05 -12.69 1.38
CA ASP B 41 21.39 -14.10 1.62
C ASP B 41 20.20 -14.75 2.30
N ASN B 42 19.44 -13.89 2.96
CA ASN B 42 18.32 -14.24 3.80
C ASN B 42 17.07 -14.50 3.00
N ILE B 43 16.92 -13.69 1.97
CA ILE B 43 15.60 -13.32 1.47
C ILE B 43 15.43 -13.61 -0.01
N ARG B 44 16.51 -13.44 -0.77
CA ARG B 44 16.44 -13.50 -2.22
C ARG B 44 16.21 -14.90 -2.75
N PHE B 45 16.69 -15.90 -2.02
CA PHE B 45 16.62 -17.27 -2.50
C PHE B 45 15.61 -18.09 -1.70
N GLY B 46 14.91 -17.39 -0.81
CA GLY B 46 13.84 -18.00 -0.05
C GLY B 46 12.51 -17.39 -0.44
N LEU B 47 12.08 -16.44 0.37
CA LEU B 47 10.78 -15.78 0.22
C LEU B 47 10.61 -15.22 -1.20
N ASN B 48 11.64 -14.57 -1.69
CA ASN B 48 11.55 -13.84 -2.95
C ASN B 48 12.33 -14.47 -4.09
N LYS B 49 12.41 -15.80 -4.09
CA LYS B 49 13.17 -16.46 -5.14
C LYS B 49 12.33 -16.50 -6.42
N ASP B 50 11.06 -16.15 -6.30
CA ASP B 50 10.18 -16.09 -7.47
C ASP B 50 10.27 -14.75 -8.18
N LEU B 51 10.94 -13.79 -7.55
CA LEU B 51 11.01 -12.44 -8.10
C LEU B 51 12.22 -12.21 -9.00
N GLY B 52 11.99 -11.49 -10.09
CA GLY B 52 13.04 -11.20 -11.05
C GLY B 52 13.49 -9.75 -11.01
N PHE B 53 13.84 -9.23 -12.18
CA PHE B 53 14.39 -7.89 -12.30
C PHE B 53 13.45 -6.94 -13.04
N SER B 54 12.17 -7.29 -13.10
CA SER B 54 11.19 -6.40 -13.69
C SER B 54 11.00 -5.24 -12.73
N GLU B 55 10.50 -4.12 -13.23
CA GLU B 55 10.25 -3.00 -12.33
C GLU B 55 9.21 -3.38 -11.28
N ALA B 56 8.26 -4.25 -11.65
CA ALA B 56 7.21 -4.64 -10.72
C ALA B 56 7.69 -5.67 -9.71
N ASP B 57 8.71 -6.44 -10.09
CA ASP B 57 9.28 -7.41 -9.17
C ASP B 57 10.26 -6.72 -8.25
N ARG B 58 10.91 -5.70 -8.79
CA ARG B 58 11.82 -4.85 -8.01
C ARG B 58 11.04 -4.20 -6.87
N ASN B 59 9.86 -3.67 -7.19
CA ASN B 59 9.02 -3.04 -6.17
C ASN B 59 8.48 -4.04 -5.17
N GLU B 60 8.09 -5.20 -5.69
CA GLU B 60 7.52 -6.27 -4.89
C GLU B 60 8.55 -6.88 -3.96
N ASN B 61 9.80 -6.92 -4.43
CA ASN B 61 10.91 -7.38 -3.62
C ASN B 61 11.05 -6.54 -2.36
N ILE B 62 11.01 -5.23 -2.58
CA ILE B 62 11.11 -4.27 -1.50
C ILE B 62 9.84 -4.32 -0.64
N ARG B 63 8.70 -4.50 -1.30
CA ARG B 63 7.45 -4.54 -0.55
C ARG B 63 7.45 -5.67 0.47
N ARG B 64 7.81 -6.86 0.01
CA ARG B 64 7.80 -8.03 0.87
C ARG B 64 8.81 -7.92 2.00
N ILE B 65 10.00 -7.42 1.68
CA ILE B 65 11.02 -7.24 2.69
C ILE B 65 10.51 -6.38 3.84
N ALA B 66 9.86 -5.28 3.50
CA ALA B 66 9.31 -4.37 4.51
C ALA B 66 8.26 -5.05 5.37
N GLU B 67 7.44 -5.89 4.76
CA GLU B 67 6.37 -6.55 5.51
C GLU B 67 6.95 -7.48 6.57
N VAL B 68 7.97 -8.22 6.21
CA VAL B 68 8.50 -9.20 7.14
C VAL B 68 9.38 -8.51 8.17
N ALA B 69 9.88 -7.32 7.82
CA ALA B 69 10.59 -6.48 8.78
C ALA B 69 9.62 -6.01 9.84
N LYS B 70 8.43 -5.62 9.39
CA LYS B 70 7.41 -5.17 10.31
C LYS B 70 6.98 -6.30 11.24
N LEU B 71 6.85 -7.50 10.68
CA LEU B 71 6.51 -8.66 11.48
C LEU B 71 7.54 -8.92 12.54
N PHE B 72 8.79 -8.66 12.20
CA PHE B 72 9.84 -8.80 13.20
C PHE B 72 9.70 -7.71 14.22
N ALA B 73 9.44 -6.50 13.73
CA ALA B 73 9.20 -5.36 14.59
C ALA B 73 8.01 -5.61 15.52
N ASP B 74 6.95 -6.19 14.96
CA ASP B 74 5.75 -6.47 15.72
C ASP B 74 6.00 -7.59 16.76
N SER B 75 6.91 -8.51 16.42
CA SER B 75 7.26 -9.63 17.28
C SER B 75 8.16 -9.21 18.42
N ASN B 76 8.56 -7.94 18.39
CA ASN B 76 9.43 -7.36 19.42
C ASN B 76 10.92 -7.62 19.26
N SER B 77 11.37 -7.84 18.05
CA SER B 77 12.80 -7.79 17.81
C SER B 77 13.06 -6.54 17.02
N ILE B 78 14.33 -6.33 16.74
CA ILE B 78 14.72 -5.21 15.95
C ILE B 78 15.15 -5.79 14.63
N ALA B 79 14.46 -5.41 13.58
CA ALA B 79 14.77 -5.89 12.27
C ALA B 79 15.77 -4.92 11.70
N ILE B 80 16.73 -5.43 10.96
CA ILE B 80 17.72 -4.59 10.34
C ILE B 80 17.82 -5.04 8.90
N THR B 81 17.43 -4.17 8.00
CA THR B 81 17.50 -4.53 6.59
C THR B 81 18.70 -3.92 5.92
N SER B 82 19.18 -4.58 4.89
CA SER B 82 20.44 -4.20 4.26
C SER B 82 20.35 -4.25 2.77
N PHE B 83 19.54 -3.38 2.19
CA PHE B 83 19.40 -3.38 0.75
C PHE B 83 19.70 -2.03 0.19
N ILE B 84 20.29 -2.02 -0.99
CA ILE B 84 20.56 -0.77 -1.66
C ILE B 84 19.30 0.06 -1.66
N SER B 85 18.16 -0.58 -1.91
CA SER B 85 16.84 0.07 -2.00
C SER B 85 16.95 1.49 -2.54
N PRO B 86 17.42 1.61 -3.81
CA PRO B 86 17.81 2.83 -4.52
C PRO B 86 16.62 3.77 -4.71
N TYR B 87 15.48 3.20 -5.06
CA TYR B 87 14.30 4.00 -5.37
C TYR B 87 13.63 4.46 -4.10
N ARG B 88 13.29 5.74 -4.06
CA ARG B 88 12.92 6.37 -2.81
C ARG B 88 11.43 6.18 -2.59
N LYS B 89 10.75 5.78 -3.66
CA LYS B 89 9.34 5.45 -3.64
C LYS B 89 9.20 4.00 -3.18
N ASP B 90 10.31 3.28 -3.32
CA ASP B 90 10.40 1.93 -2.76
C ASP B 90 10.53 1.97 -1.24
N ARG B 91 11.27 2.91 -0.68
CA ARG B 91 11.31 3.05 0.77
C ARG B 91 10.18 3.82 1.34
N ASP B 92 9.37 4.37 0.47
CA ASP B 92 8.16 5.01 0.86
C ASP B 92 7.19 3.89 1.13
N THR B 93 7.06 2.96 0.21
CA THR B 93 6.22 1.80 0.43
C THR B 93 6.54 1.17 1.75
N ALA B 94 7.83 1.01 2.03
CA ALA B 94 8.32 0.36 3.22
C ALA B 94 8.08 1.13 4.49
N ARG B 95 8.28 2.41 4.42
CA ARG B 95 8.05 3.30 5.56
C ARG B 95 6.59 3.32 5.96
N GLN B 96 5.71 3.30 4.96
CA GLN B 96 4.31 3.60 5.18
C GLN B 96 3.51 2.47 5.80
N LEU B 97 3.86 1.25 5.44
CA LEU B 97 3.21 0.08 6.02
C LEU B 97 3.71 -0.15 7.43
N HIS B 98 4.82 0.48 7.79
CA HIS B 98 5.28 0.39 9.17
C HIS B 98 4.44 1.27 10.09
N GLU B 99 3.99 2.40 9.56
CA GLU B 99 3.29 3.39 10.37
C GLU B 99 1.80 3.26 10.19
N VAL B 100 1.29 2.18 10.74
CA VAL B 100 0.05 1.59 10.30
C VAL B 100 -0.08 0.23 11.00
N GLU B 106 -3.29 0.33 18.07
CA GLU B 106 -3.17 1.73 18.47
C GLU B 106 -2.32 2.52 17.49
N THR B 107 -1.04 2.67 17.81
CA THR B 107 -0.10 3.38 16.95
C THR B 107 0.77 2.39 16.19
N GLY B 108 1.69 2.89 15.39
CA GLY B 108 2.47 2.03 14.50
C GLY B 108 3.86 1.69 14.99
N LEU B 109 4.61 1.02 14.12
CA LEU B 109 5.99 0.64 14.43
C LEU B 109 6.99 1.61 13.86
N PRO B 110 7.98 1.97 14.68
CA PRO B 110 9.08 2.84 14.25
C PRO B 110 9.83 2.26 13.07
N PHE B 111 10.07 3.15 12.12
CA PHE B 111 10.82 2.83 10.94
C PHE B 111 11.97 3.82 10.89
N VAL B 112 13.17 3.34 11.16
CA VAL B 112 14.34 4.21 11.16
C VAL B 112 15.10 4.06 9.87
N GLU B 113 14.97 5.04 8.99
CA GLU B 113 15.67 5.02 7.72
C GLU B 113 17.06 5.57 7.90
N VAL B 114 18.05 4.71 7.63
CA VAL B 114 19.44 5.10 7.79
C VAL B 114 20.10 5.26 6.43
N TYR B 115 20.53 6.47 6.16
CA TYR B 115 21.27 6.71 4.95
C TYR B 115 22.75 6.46 5.18
N VAL B 116 23.25 5.40 4.56
CA VAL B 116 24.66 5.07 4.59
C VAL B 116 25.32 5.78 3.43
N ASP B 117 25.96 6.89 3.74
CA ASP B 117 26.32 7.84 2.71
C ASP B 117 27.79 7.83 2.40
N VAL B 118 28.15 7.29 1.24
CA VAL B 118 29.48 7.52 0.72
C VAL B 118 29.40 8.02 -0.70
N PRO B 119 30.36 8.86 -1.08
CA PRO B 119 30.57 9.37 -2.43
C PRO B 119 30.73 8.17 -3.29
N VAL B 120 30.25 8.24 -4.51
CA VAL B 120 30.35 7.06 -5.33
C VAL B 120 31.82 6.74 -5.58
N GLU B 121 32.71 7.73 -5.52
CA GLU B 121 34.12 7.40 -5.72
C GLU B 121 34.77 6.75 -4.48
N VAL B 122 34.15 6.90 -3.32
CA VAL B 122 34.59 6.11 -2.17
C VAL B 122 34.13 4.67 -2.38
N ALA B 123 32.97 4.52 -3.00
CA ALA B 123 32.38 3.19 -3.20
C ALA B 123 33.17 2.33 -4.18
N GLU B 124 33.65 2.93 -5.26
CA GLU B 124 34.36 2.16 -6.29
C GLU B 124 35.76 1.83 -5.85
N GLN B 125 36.21 2.55 -4.86
CA GLN B 125 37.58 2.46 -4.44
C GLN B 125 37.69 1.32 -3.45
N ARG B 126 36.58 1.04 -2.81
CA ARG B 126 36.44 -0.13 -1.97
C ARG B 126 36.20 -1.34 -2.87
N ASP B 127 34.98 -1.40 -3.39
CA ASP B 127 34.62 -2.38 -4.42
C ASP B 127 35.13 -3.76 -4.12
N PRO B 128 34.65 -4.37 -3.02
CA PRO B 128 35.17 -5.65 -2.51
C PRO B 128 34.82 -6.88 -3.36
N LYS B 129 33.93 -6.69 -4.32
CA LYS B 129 33.44 -7.82 -5.11
C LYS B 129 33.71 -7.59 -6.57
N GLY B 130 34.20 -6.40 -6.88
CA GLY B 130 34.56 -6.04 -8.24
C GLY B 130 33.34 -5.67 -9.08
N LEU B 131 32.20 -5.49 -8.42
CA LEU B 131 30.96 -5.15 -9.10
C LEU B 131 31.07 -3.85 -9.90
N TYR B 132 31.53 -2.79 -9.24
CA TYR B 132 31.71 -1.51 -9.92
C TYR B 132 32.57 -1.65 -11.15
N LYS B 133 33.50 -2.60 -11.10
CA LYS B 133 34.39 -2.81 -12.23
C LYS B 133 33.63 -3.49 -13.36
N LYS B 134 32.91 -4.56 -13.03
CA LYS B 134 32.05 -5.22 -14.00
C LYS B 134 31.01 -4.24 -14.50
N ALA B 135 30.64 -3.28 -13.67
CA ALA B 135 29.56 -2.34 -14.01
C ALA B 135 30.03 -1.28 -14.98
N ARG B 136 31.27 -0.86 -14.86
CA ARG B 136 31.78 0.16 -15.77
C ARG B 136 32.15 -0.45 -17.11
N GLU B 137 32.34 -1.77 -17.09
CA GLU B 137 32.62 -2.49 -18.32
C GLU B 137 31.32 -2.75 -19.07
N GLY B 138 30.24 -2.90 -18.32
CA GLY B 138 28.94 -3.17 -18.90
C GLY B 138 28.64 -4.64 -18.73
N VAL B 139 29.59 -5.34 -18.14
CA VAL B 139 29.42 -6.75 -17.82
C VAL B 139 28.12 -6.91 -17.06
N ILE B 140 27.93 -6.05 -16.08
CA ILE B 140 26.74 -6.12 -15.27
C ILE B 140 25.85 -4.93 -15.58
N LYS B 141 24.55 -5.18 -15.67
CA LYS B 141 23.62 -4.20 -16.21
C LYS B 141 22.75 -3.55 -15.13
N GLU B 142 22.43 -2.29 -15.36
CA GLU B 142 21.54 -1.51 -14.50
C GLU B 142 22.06 -1.48 -13.07
N PHE B 143 23.29 -1.03 -12.92
CA PHE B 143 23.97 -0.98 -11.65
C PHE B 143 23.86 0.38 -10.99
N THR B 144 23.40 0.42 -9.75
CA THR B 144 23.21 1.66 -9.01
C THR B 144 24.47 2.53 -8.95
N GLY B 145 24.35 3.77 -9.43
CA GLY B 145 25.44 4.72 -9.41
C GLY B 145 26.19 4.77 -10.73
N ILE B 146 26.02 3.72 -11.53
CA ILE B 146 26.74 3.60 -12.79
C ILE B 146 25.83 3.59 -14.01
N SER B 147 24.90 2.65 -14.06
CA SER B 147 23.94 2.56 -15.15
C SER B 147 22.52 2.43 -14.59
N ALA B 148 22.32 3.08 -13.45
CA ALA B 148 21.02 3.11 -12.76
C ALA B 148 21.18 4.07 -11.59
N PRO B 149 20.10 4.78 -11.23
CA PRO B 149 20.21 5.89 -10.28
C PRO B 149 20.11 5.46 -8.82
N TYR B 150 20.82 6.16 -7.95
CA TYR B 150 20.52 6.09 -6.54
C TYR B 150 19.80 7.38 -6.15
N GLU B 151 18.63 7.25 -5.55
CA GLU B 151 17.87 8.41 -5.09
C GLU B 151 18.01 8.58 -3.60
N ALA B 152 18.91 9.46 -3.19
CA ALA B 152 19.21 9.65 -1.78
C ALA B 152 17.98 10.09 -0.98
N PRO B 153 17.84 9.54 0.24
CA PRO B 153 16.78 9.92 1.18
C PRO B 153 16.80 11.43 1.41
N ALA B 154 15.62 12.06 1.36
CA ALA B 154 15.54 13.50 1.53
C ALA B 154 15.85 13.93 2.96
N ASN B 155 15.30 13.20 3.93
CA ASN B 155 15.65 13.43 5.33
C ASN B 155 15.52 12.17 6.18
N PRO B 156 16.53 11.30 6.08
CA PRO B 156 16.70 10.10 6.90
C PRO B 156 16.55 10.44 8.35
N GLU B 157 16.22 9.44 9.16
CA GLU B 157 16.26 9.62 10.60
C GLU B 157 17.71 9.79 10.98
N VAL B 158 18.55 9.00 10.32
CA VAL B 158 19.98 9.02 10.55
C VAL B 158 20.70 9.12 9.23
N HIS B 159 21.62 10.06 9.14
CA HIS B 159 22.42 10.24 7.94
C HIS B 159 23.88 9.99 8.28
N VAL B 160 24.35 8.78 7.99
CA VAL B 160 25.72 8.40 8.32
C VAL B 160 26.65 8.56 7.15
N LYS B 161 27.57 9.52 7.25
CA LYS B 161 28.66 9.62 6.29
C LYS B 161 29.68 8.58 6.66
N ASN B 162 29.48 7.40 6.09
CA ASN B 162 30.15 6.20 6.51
C ASN B 162 31.48 6.00 5.83
N TYR B 163 32.41 6.87 6.14
CA TYR B 163 33.74 6.79 5.56
C TYR B 163 34.52 7.88 6.24
N GLU B 164 35.84 7.72 6.31
CA GLU B 164 36.63 8.59 7.16
C GLU B 164 35.99 8.57 8.55
N LEU B 165 35.53 7.40 8.96
CA LEU B 165 34.85 7.23 10.24
C LEU B 165 34.83 5.75 10.59
N PRO B 166 35.37 5.39 11.77
CA PRO B 166 35.44 3.99 12.15
C PRO B 166 34.09 3.31 12.15
N VAL B 167 34.09 2.04 11.75
CA VAL B 167 32.86 1.28 11.69
C VAL B 167 32.09 1.32 13.00
N GLN B 168 32.79 1.28 14.13
CA GLN B 168 32.07 1.19 15.43
C GLN B 168 31.53 2.57 15.81
N ASP B 169 32.09 3.63 15.23
CA ASP B 169 31.62 5.00 15.54
C ASP B 169 30.37 5.36 14.78
N ALA B 170 30.20 4.70 13.65
CA ALA B 170 29.05 4.96 12.80
C ALA B 170 27.89 4.19 13.37
N VAL B 171 28.22 3.07 14.00
CA VAL B 171 27.24 2.23 14.66
C VAL B 171 26.73 2.94 15.91
N LYS B 172 27.61 3.71 16.51
CA LYS B 172 27.25 4.47 17.71
C LYS B 172 26.37 5.64 17.29
N GLN B 173 26.60 6.15 16.09
CA GLN B 173 25.76 7.24 15.58
C GLN B 173 24.32 6.78 15.51
N ILE B 174 24.13 5.52 15.11
CA ILE B 174 22.81 4.94 14.94
C ILE B 174 22.18 4.59 16.27
N ILE B 175 22.98 4.02 17.14
CA ILE B 175 22.48 3.59 18.43
C ILE B 175 22.19 4.77 19.32
N ASP B 176 22.94 5.84 19.14
CA ASP B 176 22.70 7.05 19.90
C ASP B 176 21.37 7.68 19.48
N TYR B 177 21.03 7.56 18.20
CA TYR B 177 19.76 8.09 17.76
C TYR B 177 18.61 7.26 18.32
N LEU B 178 18.83 5.96 18.48
CA LEU B 178 17.80 5.10 19.06
C LEU B 178 17.53 5.51 20.50
N ASP B 179 18.60 5.81 21.22
CA ASP B 179 18.50 6.28 22.61
C ASP B 179 17.74 7.58 22.72
N THR B 180 17.84 8.36 21.65
CA THR B 180 17.20 9.66 21.57
C THR B 180 15.68 9.50 21.65
N LYS B 181 15.20 8.34 21.21
CA LYS B 181 13.77 8.07 21.09
C LYS B 181 13.25 7.15 22.18
N GLY B 182 14.15 6.71 23.05
CA GLY B 182 13.80 5.77 24.11
C GLY B 182 13.54 4.38 23.54
N TYR B 183 13.95 4.18 22.29
CA TYR B 183 13.66 2.94 21.58
C TYR B 183 14.29 1.74 22.26
N LEU B 184 15.44 1.96 22.88
CA LEU B 184 16.19 0.89 23.50
C LEU B 184 16.18 1.02 25.01
N PRO B 185 16.38 -0.12 25.69
CA PRO B 185 16.63 -0.20 27.13
C PRO B 185 18.03 0.29 27.49
N ALA B 186 18.21 0.63 28.76
CA ALA B 186 19.44 1.28 29.21
C ALA B 186 20.54 0.27 29.51
N LYS B 187 21.75 0.77 29.73
CA LYS B 187 22.85 -0.09 30.11
C LYS B 187 23.47 0.35 31.44
N GLN C 1 -17.23 28.87 -9.99
CA GLN C 1 -18.42 28.02 -10.03
C GLN C 1 -18.41 27.18 -11.30
N ARG C 2 -17.29 27.23 -12.01
CA ARG C 2 -17.09 26.36 -13.15
C ARG C 2 -15.67 25.85 -13.09
N GLY C 3 -15.44 24.66 -13.62
CA GLY C 3 -14.15 24.02 -13.56
C GLY C 3 -13.48 23.79 -14.89
N LEU C 4 -12.17 23.99 -14.91
CA LEU C 4 -11.34 23.82 -16.09
C LEU C 4 -10.04 23.18 -15.65
N THR C 5 -9.36 22.53 -16.59
CA THR C 5 -8.03 22.04 -16.32
C THR C 5 -6.99 22.93 -16.98
N ILE C 6 -6.05 23.40 -16.19
CA ILE C 6 -4.91 24.14 -16.70
C ILE C 6 -3.72 23.19 -16.78
N TRP C 7 -3.36 22.76 -17.98
CA TRP C 7 -2.36 21.70 -18.12
C TRP C 7 -0.91 22.15 -18.34
N LEU C 8 -0.09 22.09 -17.28
CA LEU C 8 1.34 22.45 -17.38
C LEU C 8 2.18 21.40 -18.09
N THR C 9 2.99 21.83 -19.05
CA THR C 9 3.84 20.90 -19.79
C THR C 9 5.21 21.50 -20.07
N GLY C 10 6.24 20.67 -20.04
CA GLY C 10 7.60 21.12 -20.26
C GLY C 10 8.65 20.24 -19.61
N LEU C 11 9.91 20.53 -19.90
CA LEU C 11 11.04 19.76 -19.40
C LEU C 11 11.10 19.75 -17.88
N SER C 12 11.85 18.84 -17.30
CA SER C 12 12.08 18.90 -15.87
C SER C 12 12.98 20.09 -15.58
N ALA C 13 12.59 20.87 -14.57
CA ALA C 13 13.36 22.03 -14.12
C ALA C 13 13.03 23.27 -14.95
N SER C 14 11.92 23.21 -15.68
CA SER C 14 11.47 24.34 -16.49
C SER C 14 10.63 25.28 -15.63
N GLY C 15 10.17 24.76 -14.50
CA GLY C 15 9.49 25.57 -13.51
C GLY C 15 8.04 25.26 -13.25
N LYS C 16 7.51 24.25 -13.93
CA LYS C 16 6.09 23.90 -13.82
C LYS C 16 5.55 23.88 -12.38
N SER C 17 6.18 23.09 -11.51
CA SER C 17 5.69 22.99 -10.14
C SER C 17 5.67 24.34 -9.45
N THR C 18 6.68 25.15 -9.74
CA THR C 18 6.78 26.47 -9.13
C THR C 18 5.63 27.37 -9.59
N LEU C 19 5.39 27.39 -10.89
CA LEU C 19 4.27 28.18 -11.41
C LEU C 19 3.00 27.68 -10.77
N ALA C 20 2.88 26.35 -10.70
CA ALA C 20 1.66 25.71 -10.27
C ALA C 20 1.33 26.10 -8.86
N VAL C 21 2.34 26.06 -8.01
CA VAL C 21 2.17 26.39 -6.61
C VAL C 21 1.76 27.85 -6.47
N GLU C 22 2.35 28.67 -7.33
CA GLU C 22 2.12 30.09 -7.33
C GLU C 22 0.78 30.42 -7.92
N LEU C 23 0.38 29.59 -8.85
CA LEU C 23 -0.89 29.79 -9.51
C LEU C 23 -1.99 29.46 -8.50
N GLU C 24 -1.94 28.26 -7.95
CA GLU C 24 -2.85 27.81 -6.90
C GLU C 24 -3.10 28.87 -5.84
N HIS C 25 -2.05 29.15 -5.09
CA HIS C 25 -2.07 30.16 -4.05
C HIS C 25 -2.71 31.43 -4.54
N GLN C 26 -2.01 32.11 -5.46
CA GLN C 26 -2.45 33.39 -5.97
C GLN C 26 -3.89 33.29 -6.46
N LEU C 27 -4.27 32.09 -6.91
CA LEU C 27 -5.54 31.88 -7.59
C LEU C 27 -6.69 31.60 -6.62
N VAL C 28 -6.41 31.63 -5.34
CA VAL C 28 -7.43 31.49 -4.30
C VAL C 28 -7.12 32.52 -3.24
N ARG C 29 -6.43 33.56 -3.67
CA ARG C 29 -6.09 34.60 -2.73
C ARG C 29 -6.57 35.91 -3.28
N ASP C 30 -6.94 35.91 -4.55
CA ASP C 30 -7.28 37.17 -5.16
C ASP C 30 -8.55 37.05 -5.97
N ARG C 31 -9.00 35.82 -6.13
CA ARG C 31 -10.18 35.53 -6.92
C ARG C 31 -10.89 34.40 -6.20
N ARG C 32 -10.21 33.95 -5.15
CA ARG C 32 -10.74 32.99 -4.21
C ARG C 32 -11.47 31.79 -4.77
N VAL C 33 -11.24 31.46 -6.03
CA VAL C 33 -11.82 30.23 -6.56
C VAL C 33 -11.14 29.12 -5.80
N HIS C 34 -11.52 27.87 -6.04
CA HIS C 34 -10.74 26.80 -5.43
C HIS C 34 -10.01 26.05 -6.52
N ALA C 35 -8.80 25.64 -6.23
CA ALA C 35 -8.02 24.88 -7.18
C ALA C 35 -7.15 23.88 -6.48
N TYR C 36 -6.93 22.76 -7.15
CA TYR C 36 -6.05 21.73 -6.64
C TYR C 36 -4.97 21.42 -7.65
N ARG C 37 -3.76 21.27 -7.15
CA ARG C 37 -2.64 20.95 -7.99
C ARG C 37 -2.36 19.49 -7.99
N LEU C 38 -1.99 18.96 -9.15
CA LEU C 38 -1.55 17.59 -9.25
C LEU C 38 -0.15 17.55 -9.86
N ASP C 39 0.82 17.11 -9.07
CA ASP C 39 2.08 16.67 -9.64
C ASP C 39 2.58 15.37 -9.00
N GLY C 40 3.90 15.17 -9.10
CA GLY C 40 4.52 13.91 -8.72
C GLY C 40 4.20 13.37 -7.34
N ASP C 41 4.21 14.24 -6.34
CA ASP C 41 3.98 13.84 -4.95
C ASP C 41 2.59 13.28 -4.84
N ASN C 42 1.68 14.04 -5.43
CA ASN C 42 0.28 13.71 -5.45
C ASN C 42 -0.02 12.40 -6.09
N ILE C 43 0.63 12.19 -7.22
CA ILE C 43 0.17 11.20 -8.15
C ILE C 43 1.12 10.03 -8.21
N ARG C 44 2.40 10.31 -8.39
CA ARG C 44 3.34 9.23 -8.62
C ARG C 44 3.61 8.33 -7.42
N PHE C 45 3.29 8.78 -6.22
CA PHE C 45 3.50 7.89 -5.08
C PHE C 45 2.22 7.23 -4.64
N GLY C 46 1.11 7.59 -5.26
CA GLY C 46 -0.18 7.04 -4.90
C GLY C 46 -0.86 6.32 -6.04
N LEU C 47 -1.82 7.00 -6.66
CA LEU C 47 -2.57 6.48 -7.80
C LEU C 47 -1.61 5.79 -8.78
N ASN C 48 -0.44 6.38 -8.96
CA ASN C 48 0.45 5.99 -10.05
C ASN C 48 1.81 5.48 -9.65
N LYS C 49 1.89 4.83 -8.50
CA LYS C 49 3.15 4.32 -8.01
C LYS C 49 3.55 3.04 -8.75
N ASP C 50 2.63 2.48 -9.54
CA ASP C 50 2.88 1.23 -10.24
C ASP C 50 3.53 1.53 -11.58
N LEU C 51 3.68 2.82 -11.85
CA LEU C 51 4.13 3.29 -13.14
C LEU C 51 5.53 3.84 -13.07
N GLY C 52 6.35 3.46 -14.02
CA GLY C 52 7.70 3.98 -14.11
C GLY C 52 7.77 5.03 -15.20
N PHE C 53 8.86 5.00 -15.95
CA PHE C 53 9.12 6.02 -16.95
C PHE C 53 9.30 5.48 -18.35
N SER C 54 8.87 4.26 -18.59
CA SER C 54 8.89 3.74 -19.94
C SER C 54 7.89 4.57 -20.74
N GLU C 55 7.86 4.36 -22.05
CA GLU C 55 6.94 5.11 -22.89
C GLU C 55 5.49 4.76 -22.58
N ALA C 56 5.24 3.46 -22.36
CA ALA C 56 3.89 2.95 -22.13
C ALA C 56 3.39 3.37 -20.77
N ASP C 57 4.33 3.50 -19.84
CA ASP C 57 4.01 3.94 -18.48
C ASP C 57 3.75 5.44 -18.43
N ARG C 58 4.44 6.19 -19.28
CA ARG C 58 4.17 7.62 -19.34
C ARG C 58 2.83 7.88 -20.01
N ASN C 59 2.51 7.07 -21.01
CA ASN C 59 1.19 7.14 -21.63
C ASN C 59 0.11 6.95 -20.58
N GLU C 60 0.30 5.92 -19.75
CA GLU C 60 -0.68 5.56 -18.73
C GLU C 60 -0.68 6.57 -17.58
N ASN C 61 0.50 7.03 -17.20
CA ASN C 61 0.65 8.09 -16.20
C ASN C 61 -0.18 9.30 -16.59
N ILE C 62 -0.13 9.66 -17.86
CA ILE C 62 -0.85 10.83 -18.35
C ILE C 62 -2.33 10.55 -18.56
N ARG C 63 -2.63 9.33 -19.03
CA ARG C 63 -4.00 8.86 -19.21
C ARG C 63 -4.79 9.04 -17.91
N ARG C 64 -4.29 8.40 -16.85
CA ARG C 64 -4.89 8.47 -15.52
C ARG C 64 -4.98 9.91 -15.00
N ILE C 65 -3.90 10.67 -15.14
CA ILE C 65 -3.88 12.06 -14.68
C ILE C 65 -4.94 12.91 -15.36
N ALA C 66 -5.14 12.67 -16.66
CA ALA C 66 -6.19 13.37 -17.42
C ALA C 66 -7.56 13.05 -16.85
N GLU C 67 -7.83 11.78 -16.60
CA GLU C 67 -9.12 11.36 -16.09
C GLU C 67 -9.46 12.01 -14.73
N VAL C 68 -8.50 12.02 -13.81
CA VAL C 68 -8.80 12.58 -12.49
C VAL C 68 -8.84 14.11 -12.54
N ALA C 69 -8.05 14.70 -13.45
CA ALA C 69 -8.10 16.15 -13.64
C ALA C 69 -9.48 16.53 -14.18
N LYS C 70 -10.02 15.67 -15.02
CA LYS C 70 -11.36 15.90 -15.55
C LYS C 70 -12.39 15.89 -14.44
N LEU C 71 -12.20 15.00 -13.47
CA LEU C 71 -13.09 14.88 -12.32
C LEU C 71 -13.03 16.10 -11.42
N PHE C 72 -11.83 16.63 -11.24
CA PHE C 72 -11.70 17.84 -10.44
C PHE C 72 -12.37 19.00 -11.11
N ALA C 73 -12.33 19.02 -12.44
CA ALA C 73 -12.88 20.15 -13.20
C ALA C 73 -14.38 20.04 -13.20
N ASP C 74 -14.84 18.81 -13.28
CA ASP C 74 -16.26 18.53 -13.18
C ASP C 74 -16.80 18.99 -11.81
N SER C 75 -15.98 18.85 -10.78
CA SER C 75 -16.39 19.22 -9.42
C SER C 75 -16.37 20.73 -9.24
N ASN C 76 -16.34 21.45 -10.35
CA ASN C 76 -16.24 22.91 -10.34
C ASN C 76 -15.02 23.43 -9.61
N SER C 77 -13.94 22.65 -9.66
CA SER C 77 -12.65 23.10 -9.17
C SER C 77 -11.79 23.42 -10.37
N ILE C 78 -10.68 24.09 -10.15
CA ILE C 78 -9.68 24.26 -11.19
C ILE C 78 -8.52 23.29 -10.92
N ALA C 79 -8.41 22.27 -11.76
CA ALA C 79 -7.29 21.36 -11.66
C ALA C 79 -6.07 21.93 -12.35
N ILE C 80 -4.94 21.96 -11.64
CA ILE C 80 -3.69 22.42 -12.20
C ILE C 80 -2.68 21.27 -12.26
N THR C 81 -2.60 20.61 -13.41
CA THR C 81 -1.66 19.50 -13.59
C THR C 81 -0.26 20.01 -13.92
N SER C 82 0.75 19.24 -13.52
CA SER C 82 2.12 19.71 -13.55
C SER C 82 3.13 18.60 -13.84
N PHE C 83 2.95 17.93 -14.97
CA PHE C 83 3.81 16.83 -15.34
C PHE C 83 4.53 17.15 -16.66
N ILE C 84 5.72 16.57 -16.84
CA ILE C 84 6.48 16.77 -18.06
C ILE C 84 5.60 16.58 -19.29
N SER C 85 4.80 15.52 -19.27
CA SER C 85 3.87 15.18 -20.35
C SER C 85 4.46 15.49 -21.74
N PRO C 86 5.44 14.68 -22.16
CA PRO C 86 6.32 14.95 -23.32
C PRO C 86 5.69 14.52 -24.62
N TYR C 87 4.76 13.59 -24.55
CA TYR C 87 4.12 13.12 -25.76
C TYR C 87 2.98 13.98 -26.13
N ARG C 88 3.04 14.51 -27.33
CA ARG C 88 2.04 15.47 -27.81
CA ARG C 88 2.05 15.46 -27.82
C ARG C 88 0.68 14.83 -27.99
N LYS C 89 0.71 13.56 -28.41
CA LYS C 89 -0.49 12.74 -28.61
C LYS C 89 -1.31 12.62 -27.33
N ASP C 90 -0.63 12.43 -26.21
CA ASP C 90 -1.29 12.18 -24.92
C ASP C 90 -1.85 13.45 -24.34
N ARG C 91 -1.20 14.57 -24.62
CA ARG C 91 -1.69 15.87 -24.17
C ARG C 91 -2.90 16.26 -25.01
N ASP C 92 -3.00 15.64 -26.17
CA ASP C 92 -4.13 15.90 -27.07
C ASP C 92 -5.27 14.99 -26.71
N THR C 93 -4.91 13.77 -26.36
CA THR C 93 -5.88 12.81 -25.88
C THR C 93 -6.48 13.36 -24.59
N ALA C 94 -5.66 14.09 -23.84
CA ALA C 94 -6.12 14.73 -22.61
C ALA C 94 -7.08 15.86 -22.93
N ARG C 95 -6.76 16.58 -23.99
CA ARG C 95 -7.60 17.71 -24.38
C ARG C 95 -8.96 17.19 -24.82
N GLN C 96 -8.96 16.16 -25.63
CA GLN C 96 -10.21 15.60 -26.15
C GLN C 96 -11.16 15.21 -25.04
N LEU C 97 -10.73 14.44 -24.05
CA LEU C 97 -11.68 13.99 -23.02
C LEU C 97 -12.30 15.15 -22.24
N HIS C 98 -11.54 16.22 -22.04
CA HIS C 98 -12.06 17.41 -21.37
C HIS C 98 -13.07 18.15 -22.24
N GLU C 99 -12.64 18.43 -23.47
CA GLU C 99 -13.32 19.39 -24.35
C GLU C 99 -14.54 18.86 -25.04
N VAL C 100 -14.56 17.55 -25.24
CA VAL C 100 -15.68 16.91 -25.90
C VAL C 100 -16.97 17.19 -25.16
N THR C 107 -21.46 22.92 -23.13
CA THR C 107 -21.62 21.74 -22.29
C THR C 107 -20.40 20.83 -22.42
N GLY C 108 -19.26 21.37 -22.02
CA GLY C 108 -17.98 20.69 -22.10
C GLY C 108 -17.02 21.39 -21.17
N LEU C 109 -15.78 20.93 -21.13
CA LEU C 109 -14.82 21.41 -20.14
C LEU C 109 -13.56 21.98 -20.75
N PRO C 110 -13.13 23.15 -20.26
CA PRO C 110 -11.94 23.80 -20.82
C PRO C 110 -10.69 23.03 -20.52
N PHE C 111 -9.70 23.25 -21.36
CA PHE C 111 -8.41 22.60 -21.25
C PHE C 111 -7.40 23.64 -21.67
N VAL C 112 -6.70 24.20 -20.70
CA VAL C 112 -5.73 25.26 -20.97
C VAL C 112 -4.31 24.72 -20.94
N GLU C 113 -3.80 24.38 -22.11
CA GLU C 113 -2.43 23.89 -22.23
C GLU C 113 -1.44 25.02 -22.03
N VAL C 114 -0.45 24.79 -21.18
CA VAL C 114 0.56 25.81 -20.90
C VAL C 114 1.94 25.26 -21.07
N TYR C 115 2.60 25.72 -22.12
CA TYR C 115 3.95 25.33 -22.40
C TYR C 115 4.90 26.12 -21.52
N VAL C 116 5.34 25.49 -20.44
CA VAL C 116 6.43 26.05 -19.64
C VAL C 116 7.71 25.79 -20.41
N ASP C 117 8.22 26.85 -21.04
CA ASP C 117 9.25 26.71 -22.04
C ASP C 117 10.60 27.21 -21.57
N VAL C 118 11.55 26.30 -21.41
CA VAL C 118 12.95 26.67 -21.31
C VAL C 118 13.73 25.83 -22.30
N PRO C 119 14.84 26.37 -22.81
CA PRO C 119 15.72 25.55 -23.64
C PRO C 119 16.44 24.59 -22.73
N VAL C 120 16.83 23.45 -23.27
CA VAL C 120 17.41 22.41 -22.43
C VAL C 120 18.70 22.86 -21.74
N GLU C 121 19.38 23.86 -22.28
CA GLU C 121 20.61 24.33 -21.60
C GLU C 121 20.25 24.99 -20.29
N VAL C 122 19.17 25.75 -20.33
CA VAL C 122 18.75 26.49 -19.17
C VAL C 122 18.31 25.52 -18.07
N ALA C 123 17.61 24.48 -18.50
CA ALA C 123 17.20 23.42 -17.58
C ALA C 123 18.41 22.72 -16.99
N GLU C 124 19.34 22.34 -17.87
CA GLU C 124 20.52 21.58 -17.47
C GLU C 124 21.34 22.33 -16.44
N GLN C 125 21.20 23.65 -16.48
CA GLN C 125 22.05 24.54 -15.70
C GLN C 125 21.41 24.82 -14.37
N ARG C 126 20.09 24.70 -14.33
CA ARG C 126 19.38 24.68 -13.08
C ARG C 126 19.72 23.33 -12.43
N ASP C 127 19.26 22.25 -13.06
CA ASP C 127 19.48 20.88 -12.59
C ASP C 127 19.42 20.70 -11.07
N PRO C 128 18.29 21.09 -10.47
CA PRO C 128 18.08 21.21 -9.02
C PRO C 128 18.41 19.93 -8.27
N LYS C 129 18.17 18.80 -8.92
CA LYS C 129 18.23 17.51 -8.23
C LYS C 129 19.28 16.61 -8.88
N GLY C 130 20.04 17.19 -9.83
CA GLY C 130 21.21 16.54 -10.41
C GLY C 130 20.88 15.49 -11.46
N LEU C 131 19.63 15.46 -11.90
CA LEU C 131 19.16 14.43 -12.82
C LEU C 131 19.77 14.52 -14.21
N TYR C 132 20.06 15.75 -14.64
CA TYR C 132 20.64 15.96 -15.96
C TYR C 132 22.06 15.42 -16.05
N LYS C 133 22.86 15.69 -15.03
CA LYS C 133 24.20 15.12 -14.96
C LYS C 133 24.13 13.60 -15.01
N LYS C 134 23.22 13.02 -14.24
CA LYS C 134 23.04 11.59 -14.20
C LYS C 134 22.60 11.03 -15.56
N ALA C 135 21.70 11.75 -16.22
CA ALA C 135 21.24 11.36 -17.56
C ALA C 135 22.39 11.45 -18.55
N ARG C 136 23.20 12.50 -18.41
CA ARG C 136 24.39 12.68 -19.23
C ARG C 136 25.32 11.49 -19.12
N GLU C 137 25.60 11.08 -17.89
CA GLU C 137 26.57 10.04 -17.62
C GLU C 137 26.01 8.64 -17.90
N GLY C 138 24.70 8.56 -18.09
CA GLY C 138 24.06 7.30 -18.39
C GLY C 138 23.48 6.61 -17.17
N VAL C 139 23.50 7.30 -16.04
CA VAL C 139 23.00 6.75 -14.78
C VAL C 139 21.49 6.56 -14.77
N ILE C 140 20.75 7.53 -15.30
CA ILE C 140 19.33 7.31 -15.56
C ILE C 140 19.11 7.24 -17.06
N LYS C 141 18.42 6.21 -17.51
CA LYS C 141 18.19 6.05 -18.94
C LYS C 141 16.92 6.78 -19.35
N GLU C 142 16.73 6.91 -20.65
CA GLU C 142 15.54 7.56 -21.20
C GLU C 142 15.12 8.80 -20.42
N PHE C 143 16.00 9.79 -20.39
CA PHE C 143 15.69 11.02 -19.70
C PHE C 143 15.17 12.08 -20.64
N THR C 144 14.02 12.66 -20.33
CA THR C 144 13.40 13.64 -21.23
C THR C 144 14.34 14.78 -21.57
N GLY C 145 14.55 15.00 -22.86
CA GLY C 145 15.35 16.11 -23.35
C GLY C 145 16.82 15.79 -23.43
N ILE C 146 17.20 14.62 -22.92
CA ILE C 146 18.59 14.17 -22.99
C ILE C 146 18.69 12.87 -23.78
N SER C 147 17.93 11.86 -23.34
CA SER C 147 17.89 10.56 -23.99
C SER C 147 16.45 10.07 -24.16
N ALA C 148 15.54 11.02 -24.30
CA ALA C 148 14.14 10.74 -24.54
C ALA C 148 13.50 12.00 -25.14
N PRO C 149 12.40 11.84 -25.86
CA PRO C 149 11.83 12.99 -26.59
C PRO C 149 11.03 13.91 -25.69
N TYR C 150 11.06 15.20 -26.03
CA TYR C 150 10.01 16.10 -25.59
C TYR C 150 9.36 16.70 -26.83
N GLU C 151 8.08 16.44 -27.01
CA GLU C 151 7.34 16.95 -28.15
C GLU C 151 6.58 18.21 -27.76
N ALA C 152 7.21 19.36 -27.98
CA ALA C 152 6.65 20.65 -27.61
C ALA C 152 5.27 20.89 -28.22
N PRO C 153 4.40 21.59 -27.49
CA PRO C 153 3.05 21.94 -27.96
C PRO C 153 3.09 22.95 -29.12
N ALA C 154 2.33 22.69 -30.17
CA ALA C 154 2.29 23.54 -31.35
C ALA C 154 1.45 24.76 -31.05
N ASN C 155 0.30 24.52 -30.43
CA ASN C 155 -0.63 25.60 -30.12
C ASN C 155 -1.06 25.58 -28.67
N PRO C 156 -0.21 26.09 -27.77
CA PRO C 156 -0.58 26.19 -26.36
C PRO C 156 -1.45 27.40 -26.17
N GLU C 157 -2.52 27.27 -25.39
CA GLU C 157 -3.33 28.42 -25.06
C GLU C 157 -2.41 29.50 -24.56
N VAL C 158 -1.27 29.05 -24.03
CA VAL C 158 -0.34 29.93 -23.35
C VAL C 158 1.07 29.39 -23.44
N HIS C 159 1.98 30.29 -23.78
CA HIS C 159 3.35 29.92 -24.04
C HIS C 159 4.22 30.75 -23.13
N VAL C 160 4.72 30.12 -22.07
CA VAL C 160 5.50 30.83 -21.08
C VAL C 160 6.96 30.54 -21.25
N LYS C 161 7.69 31.47 -21.86
CA LYS C 161 9.13 31.36 -21.95
C LYS C 161 9.71 31.58 -20.57
N ASN C 162 9.72 30.51 -19.78
CA ASN C 162 9.96 30.60 -18.35
C ASN C 162 11.42 30.67 -17.94
N TYR C 163 12.19 31.54 -18.58
CA TYR C 163 13.58 31.74 -18.15
C TYR C 163 13.91 33.21 -18.03
N GLU C 164 14.73 33.52 -17.03
CA GLU C 164 15.06 34.89 -16.70
C GLU C 164 13.77 35.68 -16.65
N LEU C 165 12.91 35.22 -15.77
CA LEU C 165 11.53 35.63 -15.72
C LEU C 165 11.13 35.54 -14.27
N PRO C 166 10.47 36.59 -13.76
CA PRO C 166 10.02 36.52 -12.37
C PRO C 166 8.76 35.70 -12.28
N VAL C 167 8.74 34.74 -11.37
CA VAL C 167 7.65 33.77 -11.37
C VAL C 167 6.33 34.48 -11.47
N GLN C 168 6.28 35.66 -10.84
CA GLN C 168 5.04 36.43 -10.73
C GLN C 168 4.50 36.72 -12.12
N ASP C 169 5.37 37.25 -12.96
CA ASP C 169 5.02 37.60 -14.34
C ASP C 169 4.56 36.40 -15.14
N ALA C 170 5.07 35.24 -14.77
CA ALA C 170 4.75 34.04 -15.50
C ALA C 170 3.32 33.63 -15.15
N VAL C 171 3.04 33.61 -13.85
CA VAL C 171 1.72 33.34 -13.32
C VAL C 171 0.70 34.25 -13.98
N LYS C 172 1.03 35.54 -13.95
CA LYS C 172 0.25 36.61 -14.54
C LYS C 172 -0.23 36.27 -15.93
N GLN C 173 0.71 35.82 -16.74
CA GLN C 173 0.44 35.55 -18.15
C GLN C 173 -0.59 34.47 -18.29
N ILE C 174 -0.62 33.57 -17.31
CA ILE C 174 -1.63 32.53 -17.27
C ILE C 174 -2.97 33.12 -16.88
N ILE C 175 -3.01 33.74 -15.69
CA ILE C 175 -4.21 34.42 -15.21
C ILE C 175 -4.72 35.37 -16.27
N ASP C 176 -3.85 36.31 -16.66
CA ASP C 176 -4.19 37.35 -17.62
C ASP C 176 -4.81 36.76 -18.88
N TYR C 177 -4.71 35.45 -19.04
CA TYR C 177 -5.31 34.83 -20.21
C TYR C 177 -6.62 34.14 -19.87
N LEU C 178 -6.75 33.67 -18.64
CA LEU C 178 -8.01 33.07 -18.22
C LEU C 178 -9.12 34.08 -18.48
N ASP C 179 -8.90 35.31 -18.03
CA ASP C 179 -9.85 36.40 -18.29
C ASP C 179 -10.12 36.57 -19.78
N THR C 180 -9.08 36.74 -20.58
CA THR C 180 -9.22 36.79 -22.03
C THR C 180 -10.36 35.88 -22.49
N LYS C 181 -10.48 34.72 -21.85
CA LYS C 181 -11.49 33.74 -22.25
C LYS C 181 -12.68 33.70 -21.29
N GLY C 182 -12.56 34.39 -20.17
CA GLY C 182 -13.65 34.53 -19.23
C GLY C 182 -13.94 33.30 -18.37
N TYR C 183 -12.93 32.85 -17.62
CA TYR C 183 -13.14 31.74 -16.68
C TYR C 183 -12.99 32.20 -15.22
N LEU C 184 -12.87 33.51 -15.00
CA LEU C 184 -12.50 34.04 -13.69
C LEU C 184 -13.56 34.92 -13.05
N GLN D 1 -10.50 24.21 6.11
CA GLN D 1 -9.13 23.73 6.09
C GLN D 1 -8.95 22.33 5.56
N ARG D 2 -9.47 21.29 6.20
CA ARG D 2 -9.27 20.00 5.55
C ARG D 2 -10.61 19.44 5.10
N GLY D 3 -10.61 18.65 4.03
CA GLY D 3 -11.80 17.92 3.62
C GLY D 3 -11.60 16.50 4.08
N LEU D 4 -12.44 15.60 3.60
CA LEU D 4 -12.38 14.22 4.07
C LEU D 4 -13.09 13.32 3.08
N THR D 5 -12.99 12.02 3.30
CA THR D 5 -13.67 11.07 2.44
C THR D 5 -14.79 10.35 3.16
N ILE D 6 -15.97 10.35 2.56
CA ILE D 6 -17.07 9.54 3.05
C ILE D 6 -17.19 8.28 2.21
N TRP D 7 -16.86 7.14 2.81
CA TRP D 7 -16.81 5.88 2.09
C TRP D 7 -18.03 5.02 2.35
N LEU D 8 -18.96 5.02 1.40
CA LEU D 8 -20.19 4.23 1.55
C LEU D 8 -19.94 2.77 1.16
N THR D 9 -20.49 1.86 1.95
CA THR D 9 -20.35 0.44 1.67
C THR D 9 -21.62 -0.30 2.10
N GLY D 10 -21.96 -1.36 1.39
CA GLY D 10 -23.17 -2.10 1.64
C GLY D 10 -23.63 -2.82 0.39
N LEU D 11 -24.59 -3.71 0.56
CA LEU D 11 -25.11 -4.53 -0.52
C LEU D 11 -25.59 -3.69 -1.68
N SER D 12 -25.80 -4.37 -2.80
CA SER D 12 -26.48 -3.77 -3.94
C SER D 12 -27.91 -3.43 -3.52
N ALA D 13 -28.33 -2.21 -3.80
CA ALA D 13 -29.67 -1.72 -3.47
C ALA D 13 -29.86 -1.51 -1.96
N SER D 14 -28.77 -1.32 -1.24
CA SER D 14 -28.85 -0.90 0.17
C SER D 14 -29.16 0.59 0.21
N GLY D 15 -28.75 1.32 -0.82
CA GLY D 15 -29.11 2.71 -0.98
C GLY D 15 -27.98 3.73 -0.91
N LYS D 16 -26.76 3.32 -1.27
CA LYS D 16 -25.61 4.20 -1.19
C LYS D 16 -25.72 5.43 -2.07
N SER D 17 -26.00 5.20 -3.35
CA SER D 17 -26.11 6.29 -4.33
C SER D 17 -27.19 7.25 -3.87
N THR D 18 -28.33 6.69 -3.48
CA THR D 18 -29.42 7.50 -2.97
C THR D 18 -28.91 8.44 -1.88
N LEU D 19 -28.10 7.90 -0.96
CA LEU D 19 -27.61 8.71 0.16
C LEU D 19 -26.54 9.71 -0.28
N ALA D 20 -25.70 9.29 -1.23
CA ALA D 20 -24.58 10.11 -1.69
C ALA D 20 -25.06 11.38 -2.37
N VAL D 21 -26.08 11.23 -3.19
CA VAL D 21 -26.67 12.39 -3.85
C VAL D 21 -27.29 13.27 -2.79
N GLU D 22 -28.09 12.66 -1.93
CA GLU D 22 -28.72 13.41 -0.87
C GLU D 22 -27.65 14.05 0.00
N LEU D 23 -26.70 13.25 0.48
CA LEU D 23 -25.59 13.79 1.27
C LEU D 23 -24.92 14.99 0.57
N GLU D 24 -24.52 14.78 -0.68
CA GLU D 24 -23.84 15.83 -1.43
C GLU D 24 -24.67 17.11 -1.46
N HIS D 25 -25.96 16.97 -1.76
CA HIS D 25 -26.78 18.16 -1.88
C HIS D 25 -26.97 18.86 -0.55
N GLN D 26 -27.33 18.10 0.47
CA GLN D 26 -27.43 18.68 1.81
C GLN D 26 -26.14 19.34 2.25
N LEU D 27 -25.01 18.84 1.75
CA LEU D 27 -23.70 19.31 2.21
C LEU D 27 -23.26 20.59 1.54
N VAL D 28 -23.63 20.71 0.28
CA VAL D 28 -23.32 21.93 -0.45
C VAL D 28 -24.39 22.97 -0.14
N ARG D 29 -25.62 22.50 -0.03
CA ARG D 29 -26.72 23.41 0.28
C ARG D 29 -26.56 24.03 1.66
N ASP D 30 -26.66 23.19 2.70
CA ASP D 30 -26.74 23.71 4.06
C ASP D 30 -25.39 24.06 4.69
N ARG D 31 -24.30 23.72 4.02
CA ARG D 31 -22.97 23.97 4.59
C ARG D 31 -21.94 24.59 3.66
N ARG D 32 -22.36 24.99 2.46
CA ARG D 32 -21.51 25.71 1.51
C ARG D 32 -20.10 25.15 1.39
N VAL D 33 -20.01 23.87 1.07
CA VAL D 33 -18.75 23.16 1.09
C VAL D 33 -18.63 22.26 -0.14
N HIS D 34 -17.44 22.23 -0.73
CA HIS D 34 -17.22 21.36 -1.86
C HIS D 34 -17.33 19.90 -1.46
N ALA D 35 -18.26 19.20 -2.11
CA ALA D 35 -18.40 17.76 -1.97
C ALA D 35 -18.40 17.20 -3.36
N TYR D 36 -18.04 15.94 -3.50
CA TYR D 36 -18.00 15.33 -4.81
C TYR D 36 -18.20 13.82 -4.78
N ARG D 37 -19.11 13.35 -5.62
CA ARG D 37 -19.45 11.94 -5.69
C ARG D 37 -18.55 11.15 -6.63
N LEU D 38 -18.06 10.03 -6.14
CA LEU D 38 -17.31 9.10 -6.98
C LEU D 38 -18.07 7.80 -7.08
N ASP D 39 -18.45 7.45 -8.29
CA ASP D 39 -19.18 6.20 -8.50
C ASP D 39 -18.83 5.59 -9.84
N GLY D 40 -19.34 4.39 -10.07
CA GLY D 40 -19.16 3.71 -11.34
C GLY D 40 -19.36 4.60 -12.53
N ASP D 41 -20.45 5.37 -12.54
CA ASP D 41 -20.69 6.31 -13.63
C ASP D 41 -19.45 7.16 -13.84
N ASN D 42 -18.79 7.48 -12.74
CA ASN D 42 -17.74 8.48 -12.72
C ASN D 42 -16.40 7.90 -13.10
N ILE D 43 -16.15 6.69 -12.61
CA ILE D 43 -14.81 6.12 -12.56
C ILE D 43 -14.66 4.94 -13.51
N ARG D 44 -15.75 4.23 -13.76
CA ARG D 44 -15.68 2.93 -14.44
C ARG D 44 -15.25 2.98 -15.91
N PHE D 45 -15.64 4.02 -16.63
CA PHE D 45 -15.28 4.11 -18.04
C PHE D 45 -14.33 5.24 -18.28
N GLY D 46 -13.83 5.79 -17.19
CA GLY D 46 -12.80 6.79 -17.28
C GLY D 46 -11.52 6.17 -16.76
N LEU D 47 -11.11 6.65 -15.59
CA LEU D 47 -9.90 6.18 -14.94
C LEU D 47 -9.70 4.67 -15.03
N ASN D 48 -10.75 3.93 -14.73
CA ASN D 48 -10.63 2.49 -14.55
C ASN D 48 -11.28 1.65 -15.62
N LYS D 49 -11.21 2.10 -16.87
CA LYS D 49 -11.80 1.31 -17.93
C LYS D 49 -10.85 0.21 -18.37
N ASP D 50 -9.61 0.29 -17.93
CA ASP D 50 -8.64 -0.75 -18.27
C ASP D 50 -8.76 -1.95 -17.34
N LEU D 51 -9.66 -1.83 -16.35
CA LEU D 51 -9.79 -2.87 -15.33
C LEU D 51 -10.92 -3.86 -15.58
N GLY D 52 -10.66 -5.12 -15.28
CA GLY D 52 -11.63 -6.18 -15.48
C GLY D 52 -12.13 -6.74 -14.16
N PHE D 53 -12.59 -7.99 -14.19
CA PHE D 53 -13.12 -8.62 -12.99
C PHE D 53 -12.15 -9.64 -12.41
N SER D 54 -10.88 -9.50 -12.78
CA SER D 54 -9.79 -10.21 -12.12
C SER D 54 -9.82 -9.85 -10.66
N GLU D 55 -9.41 -10.76 -9.79
CA GLU D 55 -9.31 -10.43 -8.38
C GLU D 55 -8.38 -9.26 -8.21
N ALA D 56 -7.31 -9.26 -8.99
CA ALA D 56 -6.31 -8.20 -8.92
C ALA D 56 -6.90 -6.89 -9.41
N ASP D 57 -7.79 -6.97 -10.40
CA ASP D 57 -8.39 -5.76 -10.96
C ASP D 57 -9.41 -5.17 -10.00
N ARG D 58 -10.16 -6.06 -9.36
CA ARG D 58 -11.15 -5.67 -8.37
C ARG D 58 -10.46 -4.91 -7.24
N ASN D 59 -9.28 -5.39 -6.88
CA ASN D 59 -8.41 -4.71 -5.93
C ASN D 59 -7.95 -3.36 -6.43
N GLU D 60 -7.43 -3.35 -7.65
CA GLU D 60 -6.83 -2.17 -8.27
C GLU D 60 -7.88 -1.09 -8.49
N ASN D 61 -9.08 -1.49 -8.87
CA ASN D 61 -10.22 -0.59 -9.00
C ASN D 61 -10.48 0.17 -7.68
N ILE D 62 -10.65 -0.59 -6.61
CA ILE D 62 -10.90 -0.01 -5.30
C ILE D 62 -9.74 0.83 -4.80
N ARG D 63 -8.54 0.46 -5.19
CA ARG D 63 -7.34 1.15 -4.71
C ARG D 63 -7.14 2.50 -5.39
N ARG D 64 -7.44 2.55 -6.67
CA ARG D 64 -7.37 3.80 -7.40
C ARG D 64 -8.47 4.72 -6.91
N ILE D 65 -9.66 4.16 -6.74
CA ILE D 65 -10.79 4.91 -6.23
C ILE D 65 -10.42 5.65 -4.96
N ALA D 66 -9.76 4.95 -4.05
CA ALA D 66 -9.40 5.52 -2.75
C ALA D 66 -8.36 6.62 -2.89
N GLU D 67 -7.43 6.42 -3.81
CA GLU D 67 -6.38 7.39 -4.06
C GLU D 67 -6.95 8.72 -4.50
N VAL D 68 -7.92 8.69 -5.40
CA VAL D 68 -8.47 9.94 -5.87
C VAL D 68 -9.51 10.48 -4.89
N ALA D 69 -10.07 9.61 -4.05
CA ALA D 69 -10.93 10.13 -2.99
C ALA D 69 -10.04 11.02 -2.15
N LYS D 70 -8.88 10.48 -1.82
CA LYS D 70 -7.88 11.20 -1.03
C LYS D 70 -7.48 12.53 -1.67
N LEU D 71 -7.19 12.51 -2.97
CA LEU D 71 -6.82 13.72 -3.69
C LEU D 71 -7.89 14.77 -3.51
N PHE D 72 -9.13 14.35 -3.63
CA PHE D 72 -10.25 15.27 -3.36
C PHE D 72 -10.24 15.71 -1.92
N ALA D 73 -9.96 14.78 -1.02
CA ALA D 73 -9.95 15.08 0.41
C ALA D 73 -8.84 16.08 0.73
N ASP D 74 -7.71 15.90 0.08
CA ASP D 74 -6.55 16.78 0.25
C ASP D 74 -6.86 18.15 -0.37
N SER D 75 -7.63 18.14 -1.46
CA SER D 75 -8.01 19.39 -2.17
C SER D 75 -8.97 20.20 -1.34
N ASN D 76 -9.11 19.78 -0.09
CA ASN D 76 -10.09 20.30 0.85
C ASN D 76 -11.54 20.39 0.42
N SER D 77 -11.99 19.26 -0.10
CA SER D 77 -13.37 19.04 -0.42
C SER D 77 -13.79 17.74 0.22
N ILE D 78 -15.04 17.36 0.04
CA ILE D 78 -15.55 16.12 0.61
C ILE D 78 -15.89 15.09 -0.45
N ALA D 79 -15.07 14.05 -0.56
CA ALA D 79 -15.28 12.98 -1.51
C ALA D 79 -16.33 12.01 -0.97
N ILE D 80 -17.28 11.65 -1.82
CA ILE D 80 -18.30 10.67 -1.43
C ILE D 80 -18.28 9.51 -2.41
N THR D 81 -17.80 8.35 -1.96
CA THR D 81 -17.72 7.18 -2.82
C THR D 81 -18.90 6.26 -2.58
N SER D 82 -19.32 5.56 -3.64
CA SER D 82 -20.54 4.78 -3.58
C SER D 82 -20.36 3.44 -4.27
N PHE D 83 -19.44 2.64 -3.74
CA PHE D 83 -19.16 1.32 -4.30
C PHE D 83 -19.49 0.26 -3.27
N ILE D 84 -20.02 -0.87 -3.73
CA ILE D 84 -20.33 -1.95 -2.84
C ILE D 84 -19.11 -2.19 -1.94
N SER D 85 -17.94 -2.27 -2.56
CA SER D 85 -16.68 -2.50 -1.84
C SER D 85 -16.80 -3.63 -0.83
N PRO D 86 -17.08 -4.85 -1.32
CA PRO D 86 -17.46 -5.99 -0.47
C PRO D 86 -16.38 -6.42 0.52
N TYR D 87 -15.13 -6.48 0.07
CA TYR D 87 -14.09 -7.02 0.94
C TYR D 87 -13.55 -6.02 1.89
N ARG D 88 -13.38 -6.46 3.13
CA ARG D 88 -12.89 -5.55 4.16
C ARG D 88 -11.43 -5.22 3.95
N LYS D 89 -10.72 -6.07 3.21
CA LYS D 89 -9.32 -5.78 2.85
C LYS D 89 -9.29 -4.62 1.85
N ASP D 90 -10.16 -4.72 0.84
CA ASP D 90 -10.45 -3.61 -0.05
C ASP D 90 -10.53 -2.30 0.71
N ARG D 91 -11.44 -2.24 1.67
CA ARG D 91 -11.72 -1.01 2.41
C ARG D 91 -10.58 -0.66 3.35
N ASP D 92 -9.97 -1.70 3.91
CA ASP D 92 -8.80 -1.57 4.75
C ASP D 92 -7.69 -0.82 4.00
N THR D 93 -7.44 -1.24 2.77
CA THR D 93 -6.48 -0.57 1.89
C THR D 93 -6.81 0.91 1.78
N ALA D 94 -8.04 1.19 1.38
CA ALA D 94 -8.54 2.54 1.20
C ALA D 94 -8.36 3.43 2.43
N ARG D 95 -8.71 2.89 3.59
CA ARG D 95 -8.61 3.62 4.85
C ARG D 95 -7.16 3.93 5.19
N GLN D 96 -6.30 2.96 4.93
CA GLN D 96 -4.92 3.02 5.36
C GLN D 96 -4.23 4.17 4.67
N LEU D 97 -4.44 4.31 3.37
CA LEU D 97 -3.76 5.34 2.57
C LEU D 97 -4.31 6.73 2.88
N HIS D 98 -5.48 6.78 3.51
CA HIS D 98 -6.08 8.05 3.94
C HIS D 98 -5.47 8.55 5.24
N GLU D 99 -5.15 7.61 6.12
CA GLU D 99 -4.60 7.94 7.42
C GLU D 99 -3.13 8.28 7.30
N VAL D 100 -2.43 7.66 6.33
CA VAL D 100 -0.98 7.78 6.27
C VAL D 100 -0.56 9.22 6.01
N ALA D 101 -0.88 9.70 4.81
CA ALA D 101 -0.16 10.81 4.20
C ALA D 101 0.02 12.02 5.12
N GLU D 105 1.71 16.54 4.00
CA GLU D 105 1.40 17.36 5.15
C GLU D 105 2.01 16.78 6.43
N GLU D 106 1.26 16.90 7.52
CA GLU D 106 1.72 16.48 8.84
C GLU D 106 0.81 15.40 9.39
N THR D 107 -0.49 15.67 9.32
CA THR D 107 -1.50 14.74 9.78
C THR D 107 -2.28 14.24 8.59
N GLY D 108 -2.96 13.11 8.75
CA GLY D 108 -3.68 12.47 7.66
C GLY D 108 -5.05 13.06 7.41
N LEU D 109 -5.82 12.34 6.60
CA LEU D 109 -7.15 12.78 6.20
C LEU D 109 -8.22 11.86 6.75
N PRO D 110 -9.28 12.44 7.32
CA PRO D 110 -10.40 11.67 7.85
C PRO D 110 -11.00 10.77 6.79
N PHE D 111 -11.32 9.54 7.20
CA PHE D 111 -11.91 8.54 6.32
C PHE D 111 -13.10 7.94 7.05
N VAL D 112 -14.29 8.43 6.72
CA VAL D 112 -15.50 8.02 7.42
C VAL D 112 -16.19 6.88 6.71
N GLU D 113 -16.03 5.69 7.27
CA GLU D 113 -16.62 4.50 6.70
C GLU D 113 -18.09 4.43 7.07
N VAL D 114 -18.95 4.46 6.07
CA VAL D 114 -20.37 4.35 6.33
C VAL D 114 -20.90 3.03 5.87
N TYR D 115 -21.41 2.28 6.81
CA TYR D 115 -22.02 1.02 6.49
C TYR D 115 -23.49 1.29 6.20
N VAL D 116 -23.85 1.17 4.93
CA VAL D 116 -25.25 1.31 4.52
C VAL D 116 -25.85 -0.07 4.55
N ASP D 117 -26.53 -0.36 5.64
CA ASP D 117 -26.80 -1.74 6.02
C ASP D 117 -28.27 -2.08 5.91
N VAL D 118 -28.59 -2.95 4.97
CA VAL D 118 -29.90 -3.56 4.98
C VAL D 118 -29.74 -5.06 4.79
N PRO D 119 -30.76 -5.80 5.25
CA PRO D 119 -30.91 -7.25 5.07
C PRO D 119 -30.90 -7.60 3.62
N VAL D 120 -30.30 -8.73 3.30
CA VAL D 120 -30.21 -9.13 1.91
C VAL D 120 -31.62 -9.31 1.34
N GLU D 121 -32.60 -9.53 2.22
CA GLU D 121 -33.97 -9.75 1.77
C GLU D 121 -34.66 -8.44 1.47
N VAL D 122 -34.22 -7.39 2.14
CA VAL D 122 -34.71 -6.06 1.85
C VAL D 122 -34.13 -5.58 0.52
N ALA D 123 -32.89 -5.97 0.25
CA ALA D 123 -32.23 -5.53 -0.98
C ALA D 123 -32.88 -6.14 -2.22
N GLU D 124 -33.27 -7.41 -2.13
CA GLU D 124 -33.88 -8.11 -3.28
C GLU D 124 -35.26 -7.62 -3.55
N GLN D 125 -35.83 -6.96 -2.57
CA GLN D 125 -37.21 -6.54 -2.63
C GLN D 125 -37.30 -5.19 -3.33
N ARG D 126 -36.24 -4.42 -3.16
CA ARG D 126 -36.09 -3.15 -3.83
C ARG D 126 -35.62 -3.43 -5.25
N ASP D 127 -34.41 -3.97 -5.33
CA ASP D 127 -33.83 -4.49 -6.57
C ASP D 127 -34.27 -3.81 -7.86
N PRO D 128 -34.06 -2.49 -7.91
CA PRO D 128 -34.68 -1.66 -8.95
C PRO D 128 -34.20 -1.94 -10.35
N LYS D 129 -33.18 -2.77 -10.50
CA LYS D 129 -32.68 -3.10 -11.83
C LYS D 129 -32.66 -4.58 -12.09
N GLY D 130 -33.32 -5.33 -11.22
CA GLY D 130 -33.47 -6.76 -11.42
C GLY D 130 -32.19 -7.55 -11.24
N LEU D 131 -31.09 -6.85 -10.96
CA LEU D 131 -29.79 -7.50 -10.74
C LEU D 131 -29.92 -8.71 -9.81
N TYR D 132 -30.62 -8.56 -8.70
CA TYR D 132 -30.79 -9.67 -7.76
C TYR D 132 -31.52 -10.84 -8.39
N LYS D 133 -32.43 -10.53 -9.28
CA LYS D 133 -33.18 -11.58 -9.98
C LYS D 133 -32.30 -12.27 -10.99
N LYS D 134 -31.60 -11.48 -11.80
CA LYS D 134 -30.66 -12.04 -12.77
C LYS D 134 -29.59 -12.86 -12.09
N ALA D 135 -29.39 -12.64 -10.80
CA ALA D 135 -28.29 -13.28 -10.08
C ALA D 135 -28.75 -14.56 -9.38
N ARG D 136 -30.04 -14.59 -9.05
CA ARG D 136 -30.68 -15.79 -8.51
C ARG D 136 -30.74 -16.82 -9.62
N GLU D 137 -30.79 -16.31 -10.84
CA GLU D 137 -30.85 -17.17 -12.02
C GLU D 137 -29.47 -17.75 -12.26
N GLY D 138 -28.49 -16.85 -12.35
CA GLY D 138 -27.13 -17.24 -12.66
C GLY D 138 -26.68 -16.41 -13.83
N VAL D 139 -27.63 -15.66 -14.38
CA VAL D 139 -27.37 -14.75 -15.47
C VAL D 139 -26.22 -13.83 -15.09
N ILE D 140 -26.19 -13.46 -13.83
CA ILE D 140 -25.10 -12.67 -13.31
C ILE D 140 -24.27 -13.50 -12.35
N LYS D 141 -22.98 -13.57 -12.62
CA LYS D 141 -22.07 -14.40 -11.83
C LYS D 141 -21.30 -13.57 -10.81
N GLU D 142 -20.82 -14.26 -9.78
CA GLU D 142 -20.15 -13.65 -8.62
C GLU D 142 -20.76 -12.34 -8.14
N PHE D 143 -22.00 -12.43 -7.69
CA PHE D 143 -22.78 -11.28 -7.28
C PHE D 143 -22.90 -11.18 -5.76
N THR D 144 -22.57 -10.01 -5.23
CA THR D 144 -22.51 -9.80 -3.79
C THR D 144 -23.80 -10.13 -3.05
N GLY D 145 -23.70 -11.06 -2.11
CA GLY D 145 -24.83 -11.45 -1.29
C GLY D 145 -25.49 -12.72 -1.81
N ILE D 146 -25.23 -13.02 -3.08
CA ILE D 146 -25.93 -14.11 -3.74
C ILE D 146 -25.01 -15.24 -4.19
N SER D 147 -23.97 -14.89 -4.95
CA SER D 147 -22.98 -15.87 -5.38
C SER D 147 -21.60 -15.27 -5.15
N ALA D 148 -21.51 -14.46 -4.10
CA ALA D 148 -20.28 -13.83 -3.69
C ALA D 148 -20.58 -13.09 -2.40
N PRO D 149 -19.57 -12.93 -1.54
CA PRO D 149 -19.83 -12.49 -0.18
C PRO D 149 -19.73 -11.01 0.00
N TYR D 150 -20.47 -10.55 0.99
CA TYR D 150 -20.25 -9.23 1.53
C TYR D 150 -19.66 -9.39 2.91
N GLU D 151 -18.55 -8.71 3.15
CA GLU D 151 -17.92 -8.69 4.47
C GLU D 151 -18.22 -7.38 5.12
N ALA D 152 -19.08 -7.43 6.14
CA ALA D 152 -19.54 -6.24 6.80
C ALA D 152 -18.47 -5.62 7.68
N PRO D 153 -18.35 -4.30 7.64
CA PRO D 153 -17.47 -3.54 8.53
C PRO D 153 -17.66 -3.98 9.97
N ALA D 154 -16.56 -4.09 10.70
CA ALA D 154 -16.62 -4.53 12.09
C ALA D 154 -16.95 -3.35 13.01
N ASN D 155 -16.31 -2.22 12.78
CA ASN D 155 -16.67 -0.99 13.48
C ASN D 155 -16.52 0.24 12.60
N PRO D 156 -17.56 0.51 11.80
CA PRO D 156 -17.68 1.70 10.95
C PRO D 156 -17.88 2.96 11.76
N GLU D 157 -17.36 4.05 11.22
CA GLU D 157 -17.61 5.36 11.81
C GLU D 157 -19.11 5.54 11.91
N VAL D 158 -19.82 5.22 10.84
CA VAL D 158 -21.27 5.30 10.86
C VAL D 158 -21.92 4.02 10.39
N HIS D 159 -23.00 3.67 11.06
CA HIS D 159 -23.72 2.46 10.74
C HIS D 159 -25.17 2.81 10.52
N VAL D 160 -25.58 2.81 9.26
CA VAL D 160 -26.94 3.15 8.89
C VAL D 160 -27.71 1.89 8.56
N LYS D 161 -28.67 1.56 9.41
CA LYS D 161 -29.65 0.53 9.07
C LYS D 161 -30.67 1.25 8.22
N ASN D 162 -30.37 1.27 6.93
CA ASN D 162 -31.00 2.19 5.98
C ASN D 162 -32.28 1.64 5.39
N TYR D 163 -33.29 1.47 6.23
CA TYR D 163 -34.54 0.91 5.82
C TYR D 163 -35.50 1.06 6.98
N GLU D 164 -36.77 1.29 6.67
CA GLU D 164 -37.70 1.70 7.71
C GLU D 164 -37.13 2.95 8.31
N LEU D 165 -36.70 3.84 7.43
CA LEU D 165 -36.04 5.06 7.82
C LEU D 165 -35.96 5.93 6.59
N PRO D 166 -36.43 7.19 6.72
CA PRO D 166 -36.46 8.09 5.56
C PRO D 166 -35.09 8.49 5.08
N VAL D 167 -34.91 8.45 3.77
CA VAL D 167 -33.65 8.83 3.17
C VAL D 167 -33.08 9.99 3.92
N GLN D 168 -33.81 11.11 3.96
CA GLN D 168 -33.27 12.38 4.56
CA GLN D 168 -33.41 12.36 4.66
C GLN D 168 -32.87 12.13 6.02
N ASP D 169 -33.32 11.01 6.60
CA ASP D 169 -33.09 10.78 8.00
C ASP D 169 -31.76 10.11 8.21
N ALA D 170 -31.44 9.27 7.25
CA ALA D 170 -30.21 8.52 7.26
C ALA D 170 -29.08 9.46 6.94
N VAL D 171 -29.41 10.49 6.16
CA VAL D 171 -28.41 11.47 5.76
C VAL D 171 -28.02 12.32 6.97
N LYS D 172 -29.01 12.69 7.76
CA LYS D 172 -28.75 13.45 8.98
C LYS D 172 -27.94 12.61 9.96
N GLN D 173 -28.14 11.30 9.93
CA GLN D 173 -27.36 10.41 10.78
C GLN D 173 -25.88 10.53 10.46
N ILE D 174 -25.58 10.75 9.19
CA ILE D 174 -24.21 10.81 8.71
C ILE D 174 -23.59 12.18 9.01
N ILE D 175 -24.32 13.22 8.63
CA ILE D 175 -23.91 14.59 8.86
C ILE D 175 -23.77 14.88 10.34
N ASP D 176 -24.66 14.30 11.13
CA ASP D 176 -24.59 14.46 12.58
C ASP D 176 -23.23 14.00 13.08
N TYR D 177 -22.81 12.84 12.60
CA TYR D 177 -21.51 12.29 12.99
C TYR D 177 -20.38 13.22 12.57
N LEU D 178 -20.55 13.90 11.46
CA LEU D 178 -19.49 14.77 10.94
C LEU D 178 -19.39 15.98 11.82
N ASP D 179 -20.51 16.37 12.40
CA ASP D 179 -20.54 17.55 13.25
C ASP D 179 -19.94 17.22 14.59
N THR D 180 -20.18 15.98 14.98
CA THR D 180 -19.62 15.42 16.19
C THR D 180 -18.10 15.50 16.19
N LYS D 181 -17.52 15.66 15.01
CA LYS D 181 -16.07 15.59 14.86
C LYS D 181 -15.47 16.91 14.43
N GLY D 182 -16.35 17.85 14.12
CA GLY D 182 -15.94 19.21 13.77
C GLY D 182 -15.61 19.37 12.31
N TYR D 183 -15.95 18.37 11.52
CA TYR D 183 -15.53 18.33 10.10
C TYR D 183 -16.19 19.38 9.24
N LEU D 184 -17.29 19.92 9.77
CA LEU D 184 -18.18 20.74 8.99
C LEU D 184 -18.28 22.14 9.55
N PRO D 185 -18.53 23.11 8.66
CA PRO D 185 -18.53 24.56 8.86
C PRO D 185 -19.54 25.25 9.77
N ALA D 186 -20.70 24.68 10.11
CA ALA D 186 -21.61 25.39 11.00
C ALA D 186 -22.51 26.34 10.20
CL CL E . -22.99 -12.02 2.11
PB ADP F . -9.56 -21.14 13.45
O1B ADP F . -8.99 -22.56 13.46
O2B ADP F . -8.55 -20.10 13.86
O3B ADP F . -10.38 -20.80 12.23
PA ADP F . -10.82 -20.33 15.97
O1A ADP F . -9.67 -20.57 16.92
O2A ADP F . -11.23 -18.93 15.56
O3A ADP F . -10.67 -21.22 14.62
O5' ADP F . -12.10 -21.11 16.59
C5' ADP F . -13.41 -20.94 16.08
C4' ADP F . -14.34 -21.09 17.27
O4' ADP F . -14.17 -22.34 17.96
C3' ADP F . -14.05 -20.00 18.26
O3' ADP F . -15.23 -19.19 18.40
C2' ADP F . -13.72 -20.69 19.57
O2' ADP F . -14.37 -20.05 20.67
C1' ADP F . -14.20 -22.12 19.36
N9 ADP F . -13.36 -23.13 20.05
C8 ADP F . -12.01 -23.17 19.99
N7 ADP F . -11.51 -24.22 20.70
C5 ADP F . -12.58 -24.87 21.23
C6 ADP F . -12.76 -26.08 22.09
N6 ADP F . -11.69 -26.78 22.52
N1 ADP F . -14.03 -26.43 22.40
C2 ADP F . -15.11 -25.73 21.98
N3 ADP F . -15.02 -24.63 21.20
C4 ADP F . -13.79 -24.16 20.80
S2 PPS G . -5.30 -21.36 3.49
OS1 PPS G . -4.17 -21.60 4.70
OS2 PPS G . -4.55 -20.82 2.09
OS3 PPS G . -6.15 -22.79 3.19
O6P PPS G . -6.39 -20.20 4.01
P2 PPS G . -6.10 -19.26 5.35
O4P PPS G . -4.87 -18.18 5.05
O5P PPS G . -5.72 -20.10 6.52
O5' PPS G . -7.53 -18.45 5.66
C5' PPS G . -8.63 -19.16 6.24
C4' PPS G . -9.60 -18.07 6.76
O4' PPS G . -9.95 -17.21 5.63
C1' PPS G . -11.40 -17.07 5.61
N9 PPS G . -11.87 -17.38 4.24
C4 PPS G . -11.89 -18.74 3.59
N3 PPS G . -11.57 -20.15 4.05
C2 PPS G . -11.72 -21.36 3.07
N1 PPS G . -12.19 -21.13 1.65
C6 PPS G . -12.51 -19.71 1.20
N6 PPS G . -12.94 -19.45 -0.17
C5 PPS G . -12.36 -18.51 2.16
N7 PPS G . -12.61 -17.04 1.95
C8 PPS G . -12.31 -16.33 3.23
C2' PPS G . -12.03 -17.93 6.70
O2' PPS G . -12.64 -17.07 7.63
C3' PPS G . -10.87 -18.65 7.36
O3' PPS G . -10.92 -18.42 8.78
P1 PPS G . -10.59 -16.94 9.52
O1P PPS G . -9.96 -17.28 11.03
O2P PPS G . -12.04 -16.10 9.75
O3P PPS G . -9.65 -16.09 8.77
CL CL H . 17.73 -3.11 -3.51
PB ADP I . 27.12 -2.93 1.37
O1B ADP I . 26.63 -1.59 1.88
O2B ADP I . 26.45 -4.13 2.02
O3B ADP I . 27.25 -3.03 -0.13
PA ADP I . 29.67 -3.64 2.79
O1A ADP I . 29.22 -3.50 4.24
O2A ADP I . 30.01 -4.99 2.18
O3A ADP I . 28.71 -2.83 1.77
O5' ADP I . 30.94 -2.64 2.61
C5' ADP I . 31.92 -2.80 1.59
C4' ADP I . 33.31 -2.54 2.16
O4' ADP I . 33.37 -1.28 2.82
C3' ADP I . 33.67 -3.61 3.16
O3' ADP I . 34.98 -4.07 2.86
C2' ADP I . 33.66 -2.92 4.50
O2' ADP I . 34.63 -3.43 5.44
C1' ADP I . 33.94 -1.49 4.11
N9 ADP I . 33.33 -0.57 5.08
C8 ADP I . 32.03 -0.50 5.46
N7 ADP I . 31.86 0.47 6.39
C5 ADP I . 33.08 1.04 6.62
C6 ADP I . 33.64 2.12 7.48
N6 ADP I . 32.83 2.83 8.32
N1 ADP I . 34.99 2.36 7.38
C2 ADP I . 35.80 1.66 6.56
N3 ADP I . 35.35 0.68 5.76
C4 ADP I . 34.04 0.33 5.76
CL CL J . 23.47 8.03 -8.68
PB ADP K . 9.76 21.34 -12.66
O1B ADP K . 9.22 21.91 -13.96
O2B ADP K . 8.69 20.93 -11.67
O3B ADP K . 10.87 20.29 -12.78
PA ADP K . 10.37 23.34 -10.56
O1A ADP K . 9.14 24.24 -10.56
O2A ADP K . 10.63 22.28 -9.48
O3A ADP K . 10.53 22.61 -12.00
O5' ADP K . 11.69 24.26 -10.69
C5' ADP K . 12.94 23.62 -10.91
C4' ADP K . 14.08 24.56 -10.62
O4' ADP K . 14.00 25.70 -11.45
C3' ADP K . 14.06 25.05 -9.19
O3' ADP K . 15.41 25.17 -8.75
C2' ADP K . 13.54 26.46 -9.26
O2' ADP K . 14.08 27.32 -8.26
C1' ADP K . 13.99 26.86 -10.64
N9 ADP K . 13.01 27.80 -11.17
C8 ADP K . 11.68 27.61 -11.25
N7 ADP K . 11.10 28.70 -11.81
C5 ADP K . 12.09 29.58 -12.09
C6 ADP K . 12.21 30.93 -12.69
N6 ADP K . 11.09 31.59 -13.12
N1 ADP K . 13.45 31.48 -12.78
C2 ADP K . 14.56 30.85 -12.36
N3 ADP K . 14.54 29.62 -11.81
C4 ADP K . 13.36 28.97 -11.65
S2 PPS L . 5.91 12.09 -17.43
OS1 PPS L . 4.47 12.95 -17.49
OS2 PPS L . 5.62 10.44 -17.23
OS3 PPS L . 6.77 12.30 -18.87
O6P PPS L . 6.96 12.67 -16.24
P2 PPS L . 6.56 13.31 -14.74
O4P PPS L . 5.25 12.48 -14.14
O5P PPS L . 6.23 14.75 -14.85
O5' PPS L . 7.82 13.07 -13.65
C5' PPS L . 9.20 13.31 -13.93
C4' PPS L . 9.84 13.64 -12.54
O4' PPS L . 10.71 12.56 -12.08
C1' PPS L . 12.11 13.01 -12.22
N9 PPS L . 12.66 11.93 -13.06
C4 PPS L . 12.52 11.94 -14.56
N3 PPS L . 11.97 13.00 -15.48
C2 PPS L . 11.95 12.76 -17.02
N1 PPS L . 12.50 11.45 -17.57
C6 PPS L . 13.05 10.37 -16.65
N6 PPS L . 13.57 9.10 -17.21
C5 PPS L . 13.06 10.61 -15.10
N7 PPS L . 13.52 9.80 -13.91
C8 PPS L . 13.27 10.58 -12.65
C2' PPS L . 12.07 14.41 -12.89
O2' PPS L . 12.91 15.35 -12.26
C3' PPS L . 10.67 14.93 -12.66
O3' PPS L . 10.71 15.74 -11.47
P1 PPS L . 10.03 15.41 -9.95
O1P PPS L . 8.44 15.95 -9.90
O2P PPS L . 10.92 16.23 -8.79
O3P PPS L . 10.04 13.95 -9.64
PB ADP M . -27.08 1.13 -4.15
O1B ADP M . -26.73 0.62 -2.76
O2B ADP M . -26.42 2.45 -4.50
O3B ADP M . -26.97 0.07 -5.23
PA ADP M . -29.63 2.50 -4.66
O1A ADP M . -29.75 3.71 -3.75
O2A ADP M . -29.45 2.69 -6.17
O3A ADP M . -28.68 1.37 -4.00
O5' ADP M . -30.99 1.66 -4.61
C5' ADP M . -31.59 1.36 -3.37
C4' ADP M . -33.04 1.69 -3.59
O4' ADP M . -33.81 1.37 -2.44
C3' ADP M . -33.23 3.18 -3.86
O3' ADP M . -33.03 3.63 -5.21
C2' ADP M . -34.69 3.17 -3.52
O2' ADP M . -35.24 2.27 -4.48
C1' ADP M . -34.69 2.45 -2.20
N9 ADP M . -34.04 3.14 -1.05
C8 ADP M . -32.75 3.53 -0.91
N7 ADP M . -32.53 4.11 0.31
C5 ADP M . -33.72 4.06 0.98
C6 ADP M . -34.23 4.49 2.31
N6 ADP M . -33.42 5.10 3.23
N1 ADP M . -35.54 4.24 2.59
C2 ADP M . -36.36 3.64 1.71
N3 ADP M . -35.98 3.24 0.48
C4 ADP M . -34.69 3.42 0.07
#